data_5YSD
#
_entry.id   5YSD
#
_cell.length_a   36.082
_cell.length_b   125.561
_cell.length_c   91.780
_cell.angle_alpha   90.00
_cell.angle_beta   101.61
_cell.angle_gamma   90.00
#
_symmetry.space_group_name_H-M   'P 1 21 1'
#
loop_
_entity.id
_entity.type
_entity.pdbx_description
1 polymer 'Lin1841 protein'
2 branched beta-D-glucopyranose-(1-2)-beta-D-glucopyranose-(1-2)-alpha-D-glucopyranose
3 non-polymer (4S)-2-METHYL-2,4-PENTANEDIOL
4 non-polymer 'MAGNESIUM ION'
5 water water
#
_entity_poly.entity_id   1
_entity_poly.type   'polypeptide(L)'
_entity_poly.pdbx_seq_one_letter_code
;MDDANSSDSKVLNVWAMGDEAKSLKELAQKFTKDTGIEVKVQVIPWANAHDKLLTAVASKSGPDVVQMGTTWMPEFVEAG
ALLDITKDVEKSKNMNSDLFFPGSVKTTQFDGKTYGVPWYAETRVLFYRTDLLKKVGYNEAPKTWDELSDAALKLSKRGK
DMYGFAIDPNEQTTGFIFGRQNGSPLFDKDGTPVFNKKPFVDTVTYLDSFIKNGSAPDTDLGLDASQSFGGDGIVPMFMS
GPWMVNTLKDTAPDIDGKWATAVLPKKENNESSLGGANLSIFKYSNKKDDALKFMDYMSQPDVQLSWLKDTNSMPARMDA
WEDDMLKNDPYYKVFGEQMKTAEPMPLIPQFEEIAQLYGKSWEQIYRGGADVQTQMDTFNDQVEALLKKLEHHHHHH
;
_entity_poly.pdbx_strand_id   A,B
#
loop_
_chem_comp.id
_chem_comp.type
_chem_comp.name
_chem_comp.formula
BGC D-saccharide, beta linking beta-D-glucopyranose 'C6 H12 O6'
GLC D-saccharide, alpha linking alpha-D-glucopyranose 'C6 H12 O6'
MG non-polymer 'MAGNESIUM ION' 'Mg 2'
MPD non-polymer (4S)-2-METHYL-2,4-PENTANEDIOL 'C6 H14 O2'
#
# COMPACT_ATOMS: atom_id res chain seq x y z
N SER A 9 -26.04 38.86 33.52
CA SER A 9 -25.79 39.01 34.98
C SER A 9 -26.41 37.85 35.78
N LYS A 10 -27.72 37.67 35.67
CA LYS A 10 -28.35 36.44 36.18
C LYS A 10 -28.79 35.52 35.02
N VAL A 11 -28.51 35.92 33.76
CA VAL A 11 -28.74 35.05 32.60
C VAL A 11 -27.71 33.91 32.63
N LEU A 12 -28.18 32.67 32.45
CA LEU A 12 -27.37 31.51 32.45
C LEU A 12 -26.85 31.31 31.00
N ASN A 13 -25.53 31.23 30.81
CA ASN A 13 -24.94 31.18 29.49
C ASN A 13 -24.66 29.71 29.19
N VAL A 14 -25.20 29.20 28.09
CA VAL A 14 -25.05 27.79 27.67
C VAL A 14 -24.39 27.80 26.28
N TRP A 15 -23.27 27.08 26.13
CA TRP A 15 -22.70 26.79 24.81
C TRP A 15 -23.10 25.37 24.36
N ALA A 16 -23.71 25.36 23.16
CA ALA A 16 -24.23 24.19 22.52
C ALA A 16 -23.70 24.11 21.08
N MET A 17 -23.92 22.96 20.44
N MET A 17 -23.89 22.95 20.46
CA MET A 17 -23.33 22.68 19.13
CA MET A 17 -23.34 22.69 19.14
C MET A 17 -24.25 21.87 18.23
C MET A 17 -24.26 21.88 18.23
N GLY A 18 -24.10 22.05 16.93
CA GLY A 18 -24.82 21.31 15.91
C GLY A 18 -26.30 21.48 15.90
N ASP A 19 -26.97 20.55 15.22
CA ASP A 19 -28.45 20.53 15.13
C ASP A 19 -29.19 20.28 16.44
N GLU A 20 -28.53 19.54 17.34
CA GLU A 20 -29.05 19.26 18.65
C GLU A 20 -29.24 20.53 19.51
N ALA A 21 -28.48 21.58 19.21
CA ALA A 21 -28.61 22.86 19.95
C ALA A 21 -30.03 23.43 19.84
N LYS A 22 -30.70 23.20 18.74
CA LYS A 22 -32.07 23.68 18.56
C LYS A 22 -33.02 23.04 19.55
N SER A 23 -32.79 21.76 19.81
CA SER A 23 -33.60 21.05 20.81
C SER A 23 -33.33 21.57 22.18
N LEU A 24 -32.06 21.77 22.51
CA LEU A 24 -31.67 22.38 23.79
C LEU A 24 -32.26 23.73 23.98
N LYS A 25 -32.25 24.60 22.97
CA LYS A 25 -32.85 25.95 23.07
C LYS A 25 -34.35 25.89 23.35
N GLU A 26 -35.07 25.07 22.63
CA GLU A 26 -36.52 24.92 22.82
C GLU A 26 -36.78 24.43 24.24
N LEU A 27 -36.06 23.41 24.71
CA LEU A 27 -36.21 22.93 26.07
C LEU A 27 -35.76 23.95 27.09
N ALA A 28 -34.76 24.76 26.81
CA ALA A 28 -34.40 25.87 27.72
C ALA A 28 -35.57 26.87 27.96
N GLN A 29 -36.50 26.98 27.03
CA GLN A 29 -37.65 27.88 27.26
C GLN A 29 -38.59 27.29 28.30
N LYS A 30 -38.87 26.00 28.28
CA LYS A 30 -39.71 25.44 29.39
C LYS A 30 -39.00 25.59 30.74
N PHE A 31 -37.69 25.37 30.75
CA PHE A 31 -36.89 25.58 31.95
C PHE A 31 -37.06 26.95 32.60
N THR A 32 -36.92 27.98 31.78
CA THR A 32 -37.08 29.38 32.23
C THR A 32 -38.55 29.68 32.72
N LYS A 33 -39.54 29.13 32.02
CA LYS A 33 -40.94 29.22 32.49
C LYS A 33 -41.12 28.60 33.91
N ASP A 34 -40.52 27.45 34.14
CA ASP A 34 -40.72 26.72 35.35
C ASP A 34 -39.85 27.24 36.51
N THR A 35 -38.73 27.91 36.23
CA THR A 35 -37.79 28.35 37.25
C THR A 35 -37.54 29.87 37.37
N GLY A 36 -37.81 30.63 36.29
CA GLY A 36 -37.48 32.01 36.19
C GLY A 36 -36.00 32.30 35.92
N ILE A 37 -35.24 31.26 35.58
CA ILE A 37 -33.83 31.39 35.29
C ILE A 37 -33.71 31.63 33.79
N GLU A 38 -33.43 32.86 33.37
CA GLU A 38 -33.24 33.14 31.97
C GLU A 38 -31.99 32.44 31.48
N VAL A 39 -32.09 31.93 30.24
CA VAL A 39 -31.05 31.16 29.59
C VAL A 39 -30.69 31.78 28.24
N LYS A 40 -29.40 31.89 27.96
CA LYS A 40 -28.91 32.30 26.69
C LYS A 40 -28.04 31.22 26.02
N VAL A 41 -28.51 30.65 24.93
CA VAL A 41 -27.84 29.56 24.26
C VAL A 41 -27.05 30.08 23.08
N GLN A 42 -25.73 29.93 23.10
CA GLN A 42 -24.82 30.22 21.99
C GLN A 42 -24.60 28.97 21.19
N VAL A 43 -24.85 29.02 19.89
CA VAL A 43 -24.67 27.83 19.06
C VAL A 43 -23.33 27.96 18.33
N ILE A 44 -22.48 26.97 18.52
CA ILE A 44 -21.19 26.91 17.86
C ILE A 44 -21.11 25.65 16.96
N PRO A 45 -20.79 25.80 15.69
CA PRO A 45 -20.47 24.63 14.84
C PRO A 45 -19.40 23.77 15.45
N TRP A 46 -19.57 22.46 15.33
CA TRP A 46 -18.57 21.51 15.74
C TRP A 46 -17.20 21.78 15.17
N ALA A 47 -17.09 22.29 13.95
CA ALA A 47 -15.78 22.58 13.35
C ALA A 47 -15.09 23.79 13.99
N ASN A 48 -15.79 24.61 14.75
CA ASN A 48 -15.13 25.73 15.51
C ASN A 48 -15.11 25.59 17.01
N ALA A 49 -15.70 24.54 17.49
CA ALA A 49 -16.03 24.48 18.89
C ALA A 49 -14.74 24.27 19.68
N HIS A 50 -13.84 23.46 19.15
CA HIS A 50 -12.58 23.23 19.86
C HIS A 50 -11.76 24.50 20.14
N ASP A 51 -11.52 25.31 19.08
CA ASP A 51 -10.88 26.65 19.16
C ASP A 51 -11.58 27.53 20.23
N LYS A 52 -12.91 27.59 20.12
CA LYS A 52 -13.69 28.36 21.05
C LYS A 52 -13.47 27.92 22.52
N LEU A 53 -13.47 26.61 22.78
CA LEU A 53 -13.18 26.07 24.10
C LEU A 53 -11.75 26.40 24.58
N LEU A 54 -10.75 26.21 23.72
CA LEU A 54 -9.37 26.59 24.10
C LEU A 54 -9.31 28.09 24.53
N THR A 55 -9.90 28.98 23.71
CA THR A 55 -9.97 30.40 24.03
C THR A 55 -10.58 30.68 25.44
N ALA A 56 -11.63 29.96 25.76
CA ALA A 56 -12.33 30.14 27.01
C ALA A 56 -11.46 29.67 28.19
N VAL A 57 -10.70 28.59 27.99
CA VAL A 57 -9.70 28.18 28.98
C VAL A 57 -8.63 29.24 29.20
N ALA A 58 -8.00 29.68 28.11
CA ALA A 58 -6.94 30.66 28.20
C ALA A 58 -7.37 31.93 28.87
N SER A 59 -8.59 32.42 28.56
CA SER A 59 -9.11 33.64 29.20
C SER A 59 -9.87 33.40 30.48
N LYS A 60 -10.11 32.14 30.85
CA LYS A 60 -10.93 31.80 32.02
C LYS A 60 -12.29 32.51 32.01
N SER A 61 -12.90 32.57 30.84
CA SER A 61 -14.24 33.10 30.75
C SER A 61 -14.94 32.38 29.63
N GLY A 62 -16.16 32.06 29.88
CA GLY A 62 -16.80 31.16 28.99
C GLY A 62 -18.20 31.07 29.52
N PRO A 63 -18.89 30.00 29.15
CA PRO A 63 -20.30 29.87 29.50
C PRO A 63 -20.39 29.40 30.93
N ASP A 64 -21.62 29.16 31.38
CA ASP A 64 -21.88 28.49 32.63
C ASP A 64 -22.03 27.01 32.41
N VAL A 65 -22.88 26.63 31.47
CA VAL A 65 -23.03 25.24 31.07
C VAL A 65 -22.42 25.14 29.69
N VAL A 66 -21.69 24.06 29.52
CA VAL A 66 -21.06 23.80 28.24
C VAL A 66 -21.42 22.40 27.75
N GLN A 67 -21.98 22.31 26.55
CA GLN A 67 -22.03 21.02 25.83
C GLN A 67 -20.60 20.62 25.44
N MET A 68 -20.22 19.40 25.82
CA MET A 68 -18.91 18.90 25.57
C MET A 68 -18.96 17.67 24.69
N GLY A 69 -18.31 17.77 23.56
CA GLY A 69 -18.02 16.53 22.78
C GLY A 69 -17.26 15.54 23.59
N THR A 70 -17.71 14.30 23.56
CA THR A 70 -17.09 13.25 24.37
C THR A 70 -15.57 13.14 24.21
N THR A 71 -15.07 13.32 22.98
CA THR A 71 -13.63 13.14 22.70
C THR A 71 -12.75 14.25 23.32
N TRP A 72 -13.38 15.38 23.65
CA TRP A 72 -12.73 16.51 24.32
C TRP A 72 -12.82 16.52 25.82
N MET A 73 -13.51 15.56 26.41
CA MET A 73 -13.64 15.52 27.88
C MET A 73 -12.28 15.43 28.56
N PRO A 74 -11.40 14.46 28.17
CA PRO A 74 -10.09 14.34 28.80
C PRO A 74 -9.26 15.60 28.77
N GLU A 75 -9.19 16.23 27.59
CA GLU A 75 -8.47 17.51 27.44
C GLU A 75 -8.98 18.61 28.40
N PHE A 76 -10.27 18.84 28.43
CA PHE A 76 -10.70 19.96 29.24
C PHE A 76 -10.79 19.68 30.74
N VAL A 77 -10.98 18.40 31.12
CA VAL A 77 -10.80 17.99 32.50
C VAL A 77 -9.36 18.27 32.90
N GLU A 78 -8.43 17.84 32.06
CA GLU A 78 -7.01 18.06 32.31
C GLU A 78 -6.66 19.52 32.46
N ALA A 79 -7.19 20.35 31.57
CA ALA A 79 -6.94 21.76 31.60
C ALA A 79 -7.59 22.51 32.78
N GLY A 80 -8.34 21.81 33.64
CA GLY A 80 -8.98 22.46 34.82
C GLY A 80 -10.23 23.27 34.45
N ALA A 81 -10.82 22.96 33.32
CA ALA A 81 -11.91 23.76 32.79
C ALA A 81 -13.32 23.30 33.20
N LEU A 82 -13.41 22.08 33.69
CA LEU A 82 -14.71 21.51 34.00
C LEU A 82 -14.78 21.18 35.46
N LEU A 83 -15.92 21.51 36.00
CA LEU A 83 -16.18 21.37 37.43
C LEU A 83 -16.48 19.91 37.81
N ASP A 84 -15.82 19.49 38.87
CA ASP A 84 -16.01 18.19 39.59
C ASP A 84 -17.38 18.30 40.23
N ILE A 85 -18.34 17.54 39.68
CA ILE A 85 -19.74 17.57 40.10
C ILE A 85 -20.11 16.23 40.71
N THR A 86 -19.08 15.49 41.16
CA THR A 86 -19.24 14.12 41.63
C THR A 86 -20.32 14.07 42.72
N LYS A 87 -20.18 14.93 43.74
CA LYS A 87 -21.15 14.94 44.83
C LYS A 87 -22.55 15.25 44.33
N ASP A 88 -22.66 16.18 43.40
CA ASP A 88 -23.97 16.68 43.01
C ASP A 88 -24.72 15.66 42.18
N VAL A 89 -24.01 14.94 41.32
CA VAL A 89 -24.69 13.94 40.44
C VAL A 89 -24.87 12.57 41.07
N GLU A 90 -23.92 12.13 41.90
CA GLU A 90 -24.02 10.76 42.51
C GLU A 90 -25.31 10.62 43.30
N LYS A 91 -25.84 11.73 43.86
CA LYS A 91 -27.09 11.75 44.60
C LYS A 91 -28.36 11.96 43.80
N SER A 92 -28.27 12.68 42.69
CA SER A 92 -29.45 13.02 41.87
C SER A 92 -30.17 11.77 41.43
N LYS A 93 -31.49 11.85 41.23
CA LYS A 93 -32.26 10.79 40.61
C LYS A 93 -31.95 10.64 39.10
N ASN A 94 -31.74 11.75 38.38
CA ASN A 94 -31.57 11.70 36.92
C ASN A 94 -30.19 11.92 36.28
N MET A 95 -29.19 12.18 37.11
CA MET A 95 -27.81 12.42 36.66
C MET A 95 -26.74 11.42 37.20
N ASN A 96 -27.19 10.43 37.97
CA ASN A 96 -26.30 9.44 38.46
C ASN A 96 -25.83 8.48 37.34
N SER A 97 -24.54 8.17 37.43
CA SER A 97 -23.80 7.42 36.42
C SER A 97 -24.42 6.14 36.01
N ASP A 98 -25.01 5.43 36.97
CA ASP A 98 -25.57 4.12 36.73
C ASP A 98 -26.77 4.08 35.81
N LEU A 99 -27.35 5.25 35.49
CA LEU A 99 -28.38 5.30 34.49
C LEU A 99 -27.83 5.16 33.10
N PHE A 100 -26.55 5.44 32.90
CA PHE A 100 -26.02 5.62 31.54
C PHE A 100 -25.16 4.44 31.13
N PHE A 101 -24.91 4.30 29.84
CA PHE A 101 -24.11 3.25 29.32
C PHE A 101 -22.67 3.43 29.79
N PRO A 102 -21.99 2.34 30.20
CA PRO A 102 -20.61 2.49 30.73
C PRO A 102 -19.64 3.14 29.77
N GLY A 103 -19.80 2.95 28.46
CA GLY A 103 -18.96 3.65 27.52
C GLY A 103 -19.20 5.17 27.58
N SER A 104 -20.46 5.60 27.71
CA SER A 104 -20.76 7.01 27.89
C SER A 104 -20.20 7.58 29.20
N VAL A 105 -20.35 6.79 30.27
CA VAL A 105 -19.82 7.14 31.57
C VAL A 105 -18.29 7.27 31.63
N LYS A 106 -17.58 6.41 30.92
CA LYS A 106 -16.13 6.54 30.79
C LYS A 106 -15.71 7.91 30.23
N THR A 107 -16.56 8.53 29.45
CA THR A 107 -16.27 9.90 28.93
C THR A 107 -16.50 11.01 29.96
N THR A 108 -17.15 10.68 31.09
CA THR A 108 -17.36 11.68 32.17
C THR A 108 -16.50 11.51 33.46
N GLN A 109 -15.88 10.35 33.63
CA GLN A 109 -15.16 9.96 34.86
C GLN A 109 -13.66 9.85 34.67
N PHE A 110 -12.92 10.63 35.47
CA PHE A 110 -11.46 10.72 35.47
C PHE A 110 -10.97 10.73 36.93
N ASP A 111 -10.17 9.72 37.27
CA ASP A 111 -9.54 9.64 38.58
C ASP A 111 -10.60 9.65 39.70
N GLY A 112 -11.63 8.82 39.52
CA GLY A 112 -12.75 8.75 40.47
C GLY A 112 -13.72 9.95 40.61
N LYS A 113 -13.56 10.97 39.78
CA LYS A 113 -14.38 12.17 39.85
C LYS A 113 -15.18 12.32 38.53
N THR A 114 -16.40 12.82 38.67
CA THR A 114 -17.29 13.03 37.56
C THR A 114 -17.33 14.49 37.14
N TYR A 115 -17.16 14.72 35.84
CA TYR A 115 -17.08 16.05 35.23
C TYR A 115 -18.19 16.40 34.22
N GLY A 116 -19.19 15.55 34.12
CA GLY A 116 -20.38 15.94 33.35
C GLY A 116 -21.35 14.85 33.37
N VAL A 117 -22.45 15.06 32.64
CA VAL A 117 -23.60 14.12 32.56
C VAL A 117 -23.82 13.88 31.11
N PRO A 118 -23.90 12.61 30.74
CA PRO A 118 -24.19 12.29 29.30
C PRO A 118 -25.50 12.86 28.86
N TRP A 119 -25.48 13.53 27.71
CA TRP A 119 -26.67 14.18 27.19
C TRP A 119 -27.26 13.36 26.04
N TYR A 120 -26.42 12.98 25.09
CA TYR A 120 -26.80 12.00 24.04
C TYR A 120 -25.54 11.22 23.62
N ALA A 121 -25.79 10.08 23.00
CA ALA A 121 -24.72 9.18 22.50
C ALA A 121 -24.82 9.06 21.03
N GLU A 122 -23.76 8.60 20.38
CA GLU A 122 -23.89 8.24 18.94
C GLU A 122 -22.83 7.21 18.61
N THR A 123 -23.11 6.44 17.56
CA THR A 123 -22.12 5.59 16.94
C THR A 123 -22.30 5.66 15.44
N ARG A 124 -21.28 5.18 14.73
CA ARG A 124 -21.27 5.30 13.26
C ARG A 124 -21.58 3.97 12.60
N VAL A 125 -22.46 4.00 11.58
CA VAL A 125 -22.89 2.83 10.89
C VAL A 125 -22.79 3.09 9.39
N LEU A 126 -23.02 2.06 8.61
CA LEU A 126 -23.01 2.13 7.16
C LEU A 126 -24.39 2.51 6.62
N PHE A 127 -24.44 3.54 5.77
CA PHE A 127 -25.61 3.91 5.06
C PHE A 127 -25.42 3.39 3.62
N TYR A 128 -26.45 2.78 3.05
CA TYR A 128 -26.36 2.28 1.70
C TYR A 128 -27.71 2.29 0.97
N ARG A 129 -27.60 2.53 -0.34
CA ARG A 129 -28.67 2.40 -1.26
C ARG A 129 -28.98 0.92 -1.56
N THR A 130 -30.13 0.44 -1.08
CA THR A 130 -30.42 -0.97 -1.20
C THR A 130 -30.66 -1.40 -2.67
N ASP A 131 -31.25 -0.49 -3.43
CA ASP A 131 -31.56 -0.74 -4.85
C ASP A 131 -30.25 -0.76 -5.68
N LEU A 132 -29.32 0.16 -5.38
CA LEU A 132 -28.05 0.22 -6.13
C LEU A 132 -27.16 -0.94 -5.81
N LEU A 133 -27.18 -1.38 -4.56
CA LEU A 133 -26.41 -2.54 -4.15
C LEU A 133 -26.90 -3.82 -4.82
N LYS A 134 -28.21 -4.01 -4.87
CA LYS A 134 -28.74 -5.17 -5.58
C LYS A 134 -28.37 -5.21 -7.03
N LYS A 135 -28.31 -4.04 -7.64
CA LYS A 135 -27.89 -3.90 -9.03
C LYS A 135 -26.44 -4.46 -9.28
N VAL A 136 -25.56 -4.33 -8.27
CA VAL A 136 -24.20 -4.87 -8.39
C VAL A 136 -24.02 -6.22 -7.64
N GLY A 137 -25.15 -6.91 -7.41
CA GLY A 137 -25.19 -8.29 -6.90
C GLY A 137 -25.18 -8.42 -5.39
N TYR A 138 -25.40 -7.33 -4.67
CA TYR A 138 -25.45 -7.31 -3.19
C TYR A 138 -26.91 -7.15 -2.68
N ASN A 139 -27.54 -8.26 -2.27
CA ASN A 139 -28.90 -8.20 -1.69
C ASN A 139 -28.96 -7.77 -0.22
N GLU A 140 -27.77 -7.63 0.38
CA GLU A 140 -27.53 -7.26 1.76
C GLU A 140 -26.36 -6.29 1.71
N ALA A 141 -26.17 -5.56 2.78
CA ALA A 141 -25.02 -4.64 2.90
C ALA A 141 -23.74 -5.42 2.88
N PRO A 142 -22.66 -4.87 2.31
CA PRO A 142 -21.33 -5.47 2.46
C PRO A 142 -21.08 -5.73 3.94
N LYS A 143 -20.63 -6.96 4.24
CA LYS A 143 -20.37 -7.32 5.66
C LYS A 143 -18.91 -7.46 6.01
N THR A 144 -18.03 -7.36 5.01
CA THR A 144 -16.59 -7.41 5.22
C THR A 144 -15.80 -6.29 4.50
N TRP A 145 -14.60 -6.00 4.94
CA TRP A 145 -13.74 -5.10 4.22
C TRP A 145 -13.65 -5.43 2.68
N ASP A 146 -13.42 -6.69 2.35
CA ASP A 146 -13.36 -7.15 0.97
C ASP A 146 -14.68 -6.86 0.21
N GLU A 147 -15.80 -7.15 0.86
CA GLU A 147 -17.13 -6.81 0.28
C GLU A 147 -17.34 -5.32 0.04
N LEU A 148 -16.93 -4.51 1.01
CA LEU A 148 -17.11 -3.07 0.90
C LEU A 148 -16.30 -2.52 -0.27
N SER A 149 -15.06 -2.97 -0.34
CA SER A 149 -14.17 -2.65 -1.42
C SER A 149 -14.73 -3.13 -2.81
N ASP A 150 -15.20 -4.36 -2.85
CA ASP A 150 -15.72 -4.96 -4.09
C ASP A 150 -16.99 -4.20 -4.53
N ALA A 151 -17.93 -4.00 -3.62
CA ALA A 151 -19.21 -3.36 -3.95
C ALA A 151 -18.96 -1.92 -4.39
N ALA A 152 -18.04 -1.23 -3.69
CA ALA A 152 -17.73 0.15 -4.03
C ALA A 152 -17.16 0.28 -5.41
N LEU A 153 -16.29 -0.65 -5.77
CA LEU A 153 -15.64 -0.52 -7.03
C LEU A 153 -16.64 -0.83 -8.15
N LYS A 154 -17.39 -1.87 -7.99
CA LYS A 154 -18.52 -2.17 -8.93
C LYS A 154 -19.46 -0.97 -9.06
N LEU A 155 -19.83 -0.35 -7.94
CA LEU A 155 -20.63 0.85 -8.06
C LEU A 155 -19.98 2.02 -8.81
N SER A 156 -18.67 2.27 -8.57
CA SER A 156 -18.00 3.37 -9.27
C SER A 156 -17.77 3.06 -10.76
N LYS A 157 -17.75 1.81 -11.14
CA LYS A 157 -17.71 1.47 -12.55
C LYS A 157 -19.03 1.69 -13.34
N ARG A 158 -20.11 2.17 -12.69
CA ARG A 158 -21.28 2.59 -13.41
C ARG A 158 -20.99 3.70 -14.44
N GLY A 159 -19.99 4.53 -14.18
CA GLY A 159 -19.79 5.66 -15.01
C GLY A 159 -18.87 6.65 -14.40
N LYS A 160 -18.45 7.61 -15.21
CA LYS A 160 -17.74 8.75 -14.69
C LYS A 160 -18.70 9.56 -13.76
N ASP A 161 -18.08 10.21 -12.79
CA ASP A 161 -18.83 10.98 -11.79
C ASP A 161 -19.78 10.14 -10.98
N MET A 162 -19.42 8.86 -10.78
CA MET A 162 -20.26 7.96 -10.01
C MET A 162 -19.29 7.18 -9.14
N TYR A 163 -19.58 7.08 -7.85
CA TYR A 163 -18.67 6.50 -6.90
C TYR A 163 -19.30 5.27 -6.21
N GLY A 164 -18.61 4.72 -5.23
CA GLY A 164 -19.10 3.63 -4.41
C GLY A 164 -19.11 3.83 -2.93
N PHE A 165 -18.29 4.74 -2.41
CA PHE A 165 -18.14 4.92 -0.98
C PHE A 165 -17.58 6.31 -0.73
N ALA A 166 -17.73 6.84 0.48
CA ALA A 166 -17.07 8.09 0.82
C ALA A 166 -16.19 7.92 2.05
N ILE A 167 -15.07 8.59 2.02
CA ILE A 167 -14.19 8.74 3.19
C ILE A 167 -14.09 10.25 3.45
N ASP A 168 -14.61 10.64 4.64
CA ASP A 168 -14.60 12.03 5.06
C ASP A 168 -13.20 12.39 5.59
N PRO A 169 -12.44 13.25 4.89
CA PRO A 169 -11.08 13.56 5.31
C PRO A 169 -10.96 14.38 6.60
N ASN A 170 -12.10 14.95 7.04
CA ASN A 170 -12.18 15.75 8.24
C ASN A 170 -12.79 15.03 9.44
N GLU A 171 -13.18 13.76 9.26
CA GLU A 171 -13.79 12.99 10.28
C GLU A 171 -12.72 12.39 11.16
N GLN A 172 -12.68 12.82 12.39
CA GLN A 172 -11.64 12.35 13.35
C GLN A 172 -11.67 10.86 13.63
N THR A 173 -12.84 10.24 13.56
CA THR A 173 -12.98 8.83 13.90
C THR A 173 -12.53 7.85 12.82
N THR A 174 -12.58 8.26 11.54
CA THR A 174 -12.54 7.23 10.47
C THR A 174 -11.31 6.29 10.47
N GLY A 175 -10.15 6.90 10.37
CA GLY A 175 -8.87 6.15 10.39
C GLY A 175 -8.75 5.25 11.61
N PHE A 176 -9.12 5.80 12.77
CA PHE A 176 -9.01 5.06 14.00
C PHE A 176 -10.05 3.94 14.12
N ILE A 177 -11.28 4.16 13.66
CA ILE A 177 -12.27 3.09 13.66
C ILE A 177 -11.76 1.93 12.87
N PHE A 178 -11.32 2.17 11.59
CA PHE A 178 -10.83 1.09 10.75
C PHE A 178 -9.58 0.45 11.31
N GLY A 179 -8.73 1.27 11.94
CA GLY A 179 -7.52 0.71 12.52
C GLY A 179 -7.82 -0.36 13.54
N ARG A 180 -8.77 -0.10 14.44
CA ARG A 180 -9.19 -1.09 15.44
C ARG A 180 -9.77 -2.34 14.80
N GLN A 181 -10.46 -2.13 13.71
CA GLN A 181 -11.11 -3.23 13.04
C GLN A 181 -10.06 -4.22 12.47
N ASN A 182 -8.89 -3.69 12.12
CA ASN A 182 -7.79 -4.53 11.67
C ASN A 182 -6.88 -4.89 12.80
N GLY A 183 -7.35 -4.81 14.06
CA GLY A 183 -6.58 -5.35 15.19
C GLY A 183 -5.56 -4.35 15.73
N SER A 184 -5.51 -3.10 15.27
CA SER A 184 -4.57 -2.11 15.89
C SER A 184 -5.15 -1.59 17.19
N PRO A 185 -4.38 -1.63 18.29
CA PRO A 185 -4.91 -0.93 19.49
C PRO A 185 -4.71 0.61 19.46
N LEU A 186 -4.07 1.17 18.43
CA LEU A 186 -3.74 2.59 18.26
C LEU A 186 -2.58 2.99 19.21
N PHE A 187 -2.74 2.73 20.50
CA PHE A 187 -1.72 2.84 21.53
C PHE A 187 -1.56 1.48 22.19
N ASP A 188 -0.29 1.04 22.38
CA ASP A 188 -0.06 -0.24 23.01
C ASP A 188 -0.29 -0.11 24.54
N LYS A 189 -0.09 -1.22 25.25
CA LYS A 189 -0.21 -1.30 26.72
C LYS A 189 0.52 -0.19 27.51
N ASP A 190 1.72 0.19 27.02
CA ASP A 190 2.53 1.26 27.59
C ASP A 190 2.07 2.68 27.21
N GLY A 191 1.11 2.82 26.30
CA GLY A 191 0.75 4.13 25.72
C GLY A 191 1.60 4.55 24.50
N THR A 192 2.49 3.65 24.03
CA THR A 192 3.26 3.89 22.82
C THR A 192 2.35 3.78 21.58
N PRO A 193 2.36 4.83 20.74
CA PRO A 193 1.54 4.79 19.56
C PRO A 193 2.08 3.82 18.58
N VAL A 194 1.17 3.14 17.88
CA VAL A 194 1.51 2.07 16.92
C VAL A 194 0.87 2.23 15.50
N PHE A 195 0.76 3.48 15.07
CA PHE A 195 0.22 3.89 13.78
C PHE A 195 1.11 3.49 12.60
N ASN A 196 2.40 3.35 12.87
CA ASN A 196 3.36 2.83 11.90
C ASN A 196 3.60 1.32 11.94
N LYS A 197 2.83 0.56 12.72
CA LYS A 197 2.90 -0.88 12.66
C LYS A 197 1.86 -1.39 11.63
N LYS A 198 2.07 -2.64 11.22
CA LYS A 198 1.34 -3.19 10.11
C LYS A 198 -0.19 -3.13 10.24
N PRO A 199 -0.75 -3.43 11.43
CA PRO A 199 -2.22 -3.32 11.40
C PRO A 199 -2.75 -1.94 10.96
N PHE A 200 -2.15 -0.87 11.44
CA PHE A 200 -2.64 0.45 11.13
C PHE A 200 -2.16 0.85 9.74
N VAL A 201 -0.92 0.49 9.37
CA VAL A 201 -0.41 0.87 8.07
C VAL A 201 -1.32 0.22 7.00
N ASP A 202 -1.68 -1.05 7.17
CA ASP A 202 -2.51 -1.72 6.14
C ASP A 202 -3.93 -1.12 6.15
N THR A 203 -4.39 -0.62 7.30
CA THR A 203 -5.66 0.12 7.40
C THR A 203 -5.69 1.36 6.45
N VAL A 204 -4.63 2.16 6.53
CA VAL A 204 -4.52 3.36 5.75
C VAL A 204 -4.38 3.06 4.28
N THR A 205 -3.58 2.04 3.96
CA THR A 205 -3.55 1.44 2.62
C THR A 205 -4.91 1.06 2.08
N TYR A 206 -5.68 0.35 2.89
CA TYR A 206 -7.05 0.01 2.52
C TYR A 206 -7.99 1.23 2.25
N LEU A 207 -7.93 2.21 3.13
CA LEU A 207 -8.78 3.39 2.90
C LEU A 207 -8.33 4.15 1.64
N ASP A 208 -7.02 4.28 1.46
CA ASP A 208 -6.50 4.91 0.29
C ASP A 208 -6.86 4.15 -1.02
N SER A 209 -7.04 2.85 -0.93
CA SER A 209 -7.38 2.09 -2.11
C SER A 209 -8.63 2.57 -2.81
N PHE A 210 -9.59 3.04 -2.00
CA PHE A 210 -10.86 3.59 -2.57
C PHE A 210 -10.62 4.89 -3.33
N ILE A 211 -9.73 5.70 -2.80
CA ILE A 211 -9.39 6.96 -3.42
C ILE A 211 -8.62 6.64 -4.74
N LYS A 212 -7.64 5.76 -4.63
CA LYS A 212 -6.82 5.47 -5.81
C LYS A 212 -7.53 4.79 -7.00
N ASN A 213 -8.48 3.94 -6.67
CA ASN A 213 -9.26 3.25 -7.70
C ASN A 213 -10.47 4.02 -8.09
N GLY A 214 -10.71 5.18 -7.48
CA GLY A 214 -11.74 6.07 -7.94
C GLY A 214 -13.08 5.71 -7.34
N SER A 215 -13.14 4.84 -6.33
CA SER A 215 -14.39 4.48 -5.76
C SER A 215 -14.86 5.42 -4.67
N ALA A 216 -13.94 6.20 -4.12
CA ALA A 216 -14.28 7.28 -3.19
C ALA A 216 -13.81 8.61 -3.71
N PRO A 217 -14.67 9.64 -3.65
CA PRO A 217 -14.18 10.94 -4.15
C PRO A 217 -12.87 11.38 -3.46
N ASP A 218 -11.98 12.02 -4.24
CA ASP A 218 -10.76 12.60 -3.70
C ASP A 218 -10.81 14.13 -3.48
N THR A 219 -12.01 14.70 -3.59
CA THR A 219 -12.30 16.08 -3.24
C THR A 219 -13.71 16.18 -2.74
N ASP A 220 -14.00 17.32 -2.14
CA ASP A 220 -15.34 17.65 -1.76
C ASP A 220 -16.14 18.06 -3.01
N LEU A 221 -17.12 17.25 -3.37
CA LEU A 221 -17.96 17.48 -4.54
C LEU A 221 -18.96 18.62 -4.30
N GLY A 222 -19.14 19.01 -3.03
CA GLY A 222 -20.04 20.07 -2.67
C GLY A 222 -21.56 19.77 -2.76
N LEU A 223 -21.95 18.52 -2.57
CA LEU A 223 -23.32 18.13 -2.72
C LEU A 223 -23.82 17.89 -1.30
N ASP A 224 -25.09 18.18 -1.05
CA ASP A 224 -25.67 17.74 0.19
C ASP A 224 -26.04 16.27 0.10
N ALA A 225 -26.41 15.69 1.26
CA ALA A 225 -26.64 14.26 1.33
C ALA A 225 -27.73 13.79 0.32
N SER A 226 -28.80 14.54 0.21
CA SER A 226 -29.89 14.25 -0.68
C SER A 226 -29.40 14.22 -2.15
N GLN A 227 -28.50 15.12 -2.53
CA GLN A 227 -28.01 15.14 -3.90
C GLN A 227 -26.97 14.04 -4.18
N SER A 228 -26.26 13.59 -3.14
CA SER A 228 -25.19 12.61 -3.34
C SER A 228 -25.70 11.21 -3.13
N PHE A 229 -26.54 11.01 -2.13
CA PHE A 229 -27.01 9.66 -1.79
C PHE A 229 -28.32 9.38 -2.43
N GLY A 230 -29.09 10.43 -2.73
CA GLY A 230 -30.39 10.30 -3.40
C GLY A 230 -30.22 10.32 -4.91
N GLY A 231 -31.33 10.50 -5.63
CA GLY A 231 -31.27 10.51 -7.08
C GLY A 231 -30.65 9.22 -7.53
N ASP A 232 -29.71 9.30 -8.46
CA ASP A 232 -29.06 8.10 -8.98
C ASP A 232 -27.86 7.70 -8.14
N GLY A 233 -27.68 8.31 -6.99
CA GLY A 233 -26.74 7.78 -6.02
C GLY A 233 -25.28 7.87 -6.43
N ILE A 234 -24.87 9.10 -6.72
CA ILE A 234 -23.47 9.39 -6.99
C ILE A 234 -22.52 8.80 -5.93
N VAL A 235 -22.94 8.90 -4.66
CA VAL A 235 -22.21 8.30 -3.55
C VAL A 235 -23.19 7.38 -2.80
N PRO A 236 -23.13 6.07 -3.10
CA PRO A 236 -24.22 5.20 -2.73
C PRO A 236 -23.98 4.48 -1.43
N MET A 237 -22.86 4.76 -0.77
CA MET A 237 -22.58 4.27 0.53
C MET A 237 -21.65 5.26 1.24
N PHE A 238 -21.82 5.34 2.59
CA PHE A 238 -21.03 6.23 3.45
C PHE A 238 -21.30 5.83 4.90
N MET A 239 -20.50 6.38 5.81
CA MET A 239 -20.59 6.11 7.23
C MET A 239 -20.94 7.40 7.95
N SER A 240 -21.88 7.29 8.88
CA SER A 240 -22.27 8.42 9.72
C SER A 240 -23.11 7.97 10.89
N GLY A 241 -23.63 8.95 11.60
CA GLY A 241 -24.38 8.69 12.77
C GLY A 241 -25.84 9.00 12.61
N PRO A 242 -26.55 8.99 13.72
CA PRO A 242 -28.00 9.25 13.82
C PRO A 242 -28.46 10.52 13.17
N TRP A 243 -27.73 11.63 13.36
CA TRP A 243 -28.08 12.89 12.73
C TRP A 243 -28.30 12.74 11.24
N MET A 244 -27.64 11.81 10.59
CA MET A 244 -27.87 11.64 9.14
C MET A 244 -29.11 10.83 8.75
N VAL A 245 -29.59 9.96 9.62
CA VAL A 245 -30.87 9.33 9.46
C VAL A 245 -31.97 10.44 9.39
N ASN A 246 -31.94 11.33 10.38
CA ASN A 246 -32.80 12.44 10.47
C ASN A 246 -32.79 13.31 9.19
N THR A 247 -31.58 13.64 8.75
CA THR A 247 -31.38 14.50 7.58
C THR A 247 -31.98 13.86 6.33
N LEU A 248 -31.66 12.61 6.12
CA LEU A 248 -32.10 11.86 4.96
C LEU A 248 -33.61 11.64 4.97
N LYS A 249 -34.18 11.32 6.14
CA LYS A 249 -35.65 11.21 6.26
C LYS A 249 -36.37 12.50 5.84
N ASP A 250 -35.80 13.64 6.20
CA ASP A 250 -36.40 14.93 5.91
C ASP A 250 -36.13 15.48 4.52
N THR A 251 -34.99 15.10 3.93
CA THR A 251 -34.50 15.76 2.68
C THR A 251 -34.45 14.87 1.47
N ALA A 252 -34.59 13.56 1.63
CA ALA A 252 -34.54 12.66 0.48
C ALA A 252 -35.78 11.81 0.26
N PRO A 253 -36.93 12.45 0.06
CA PRO A 253 -38.15 11.65 -0.16
C PRO A 253 -38.04 10.72 -1.34
N ASP A 254 -37.32 11.16 -2.38
CA ASP A 254 -37.15 10.39 -3.59
C ASP A 254 -36.59 8.95 -3.35
N ILE A 255 -35.83 8.73 -2.27
CA ILE A 255 -35.28 7.39 -2.03
C ILE A 255 -35.93 6.65 -0.87
N ASP A 256 -37.12 7.10 -0.44
CA ASP A 256 -37.89 6.36 0.56
C ASP A 256 -38.04 4.87 0.16
N GLY A 257 -37.64 3.95 1.07
CA GLY A 257 -37.63 2.51 0.78
C GLY A 257 -36.52 1.99 -0.15
N LYS A 258 -35.52 2.82 -0.41
CA LYS A 258 -34.42 2.46 -1.29
C LYS A 258 -33.09 2.74 -0.60
N TRP A 259 -33.11 2.96 0.69
CA TRP A 259 -31.89 3.03 1.51
C TRP A 259 -32.17 2.45 2.85
N ALA A 260 -31.10 2.05 3.51
CA ALA A 260 -31.13 1.52 4.85
C ALA A 260 -29.75 1.80 5.49
N THR A 261 -29.62 1.44 6.75
CA THR A 261 -28.35 1.37 7.47
C THR A 261 -28.09 -0.08 7.79
N ALA A 262 -26.85 -0.35 8.10
CA ALA A 262 -26.36 -1.68 8.50
C ALA A 262 -25.18 -1.46 9.40
N VAL A 263 -24.86 -2.47 10.21
CA VAL A 263 -23.66 -2.41 10.99
C VAL A 263 -22.40 -2.33 10.10
N LEU A 264 -21.31 -1.81 10.64
CA LEU A 264 -20.12 -1.64 9.86
C LEU A 264 -19.60 -2.97 9.38
N PRO A 265 -19.03 -2.97 8.18
CA PRO A 265 -18.33 -4.23 7.74
C PRO A 265 -17.18 -4.61 8.65
N LYS A 266 -16.95 -5.94 8.75
CA LYS A 266 -15.94 -6.53 9.59
C LYS A 266 -14.59 -6.75 8.82
N LYS A 267 -13.48 -6.52 9.55
CA LYS A 267 -12.21 -7.07 9.15
C LYS A 267 -11.83 -8.15 10.22
N GLU A 268 -11.00 -7.87 11.25
CA GLU A 268 -10.98 -8.74 12.42
C GLU A 268 -12.22 -8.59 13.29
N ASN A 269 -12.76 -7.37 13.36
CA ASN A 269 -14.04 -7.06 14.08
C ASN A 269 -14.66 -5.93 13.29
N ASN A 270 -15.84 -5.50 13.70
CA ASN A 270 -16.51 -4.38 13.07
C ASN A 270 -16.82 -3.31 14.12
N GLU A 271 -15.95 -3.18 15.10
CA GLU A 271 -16.09 -2.13 16.08
C GLU A 271 -16.29 -0.72 15.50
N SER A 272 -17.21 0.03 16.09
CA SER A 272 -17.39 1.39 15.71
C SER A 272 -16.93 2.31 16.85
N SER A 273 -17.04 3.61 16.64
CA SER A 273 -16.75 4.54 17.71
C SER A 273 -18.04 4.86 18.50
N LEU A 274 -17.81 5.22 19.78
CA LEU A 274 -18.85 5.72 20.68
C LEU A 274 -18.52 7.17 20.98
N GLY A 275 -19.49 8.02 20.61
CA GLY A 275 -19.43 9.44 20.87
C GLY A 275 -20.69 10.01 21.45
N GLY A 276 -20.88 11.30 21.16
CA GLY A 276 -22.04 12.05 21.57
C GLY A 276 -21.54 13.22 22.38
N ALA A 277 -22.35 13.71 23.28
CA ALA A 277 -21.97 14.88 24.12
C ALA A 277 -22.51 14.81 25.47
N ASN A 278 -21.77 15.50 26.35
CA ASN A 278 -22.08 15.58 27.78
C ASN A 278 -22.48 17.01 28.06
N LEU A 279 -23.26 17.22 29.14
CA LEU A 279 -23.36 18.57 29.72
C LEU A 279 -22.45 18.66 30.88
N SER A 280 -21.69 19.75 30.92
CA SER A 280 -20.68 20.06 32.02
C SER A 280 -20.80 21.50 32.50
N ILE A 281 -20.36 21.76 33.69
CA ILE A 281 -20.27 23.10 34.23
C ILE A 281 -18.86 23.62 34.16
N PHE A 282 -18.70 24.80 33.59
CA PHE A 282 -17.40 25.43 33.49
C PHE A 282 -16.96 25.76 34.94
N LYS A 283 -15.75 25.39 35.27
CA LYS A 283 -15.25 25.54 36.57
C LYS A 283 -15.30 27.03 37.06
N TYR A 284 -15.11 28.00 36.16
CA TYR A 284 -15.12 29.44 36.51
C TYR A 284 -16.50 30.06 36.60
N SER A 285 -17.57 29.29 36.42
CA SER A 285 -18.93 29.86 36.51
C SER A 285 -19.26 30.38 37.92
N ASN A 286 -19.91 31.52 37.97
CA ASN A 286 -20.48 32.13 39.16
C ASN A 286 -21.99 31.79 39.30
N LYS A 287 -22.49 30.83 38.51
CA LYS A 287 -23.90 30.44 38.56
C LYS A 287 -23.97 28.93 38.60
N LYS A 288 -23.15 28.40 39.47
CA LYS A 288 -23.03 26.93 39.54
C LYS A 288 -24.34 26.23 39.92
N ASP A 289 -25.06 26.79 40.89
CA ASP A 289 -26.34 26.26 41.36
C ASP A 289 -27.34 26.28 40.23
N ASP A 290 -27.47 27.40 39.53
CA ASP A 290 -28.35 27.51 38.41
C ASP A 290 -28.00 26.51 37.27
N ALA A 291 -26.70 26.39 36.95
CA ALA A 291 -26.21 25.49 35.94
C ALA A 291 -26.59 24.04 36.25
N LEU A 292 -26.43 23.67 37.49
CA LEU A 292 -26.78 22.33 37.91
C LEU A 292 -28.29 22.03 37.83
N LYS A 293 -29.13 23.00 38.22
CA LYS A 293 -30.61 22.90 38.00
C LYS A 293 -30.96 22.69 36.52
N PHE A 294 -30.27 23.43 35.66
CA PHE A 294 -30.49 23.34 34.23
C PHE A 294 -30.09 21.93 33.75
N MET A 295 -28.93 21.47 34.16
CA MET A 295 -28.51 20.09 33.87
C MET A 295 -29.54 19.06 34.33
N ASP A 296 -29.96 19.17 35.58
CA ASP A 296 -30.95 18.27 36.11
C ASP A 296 -32.29 18.30 35.32
N TYR A 297 -32.75 19.49 35.01
CA TYR A 297 -33.92 19.67 34.20
C TYR A 297 -33.79 18.99 32.81
N MET A 298 -32.61 19.10 32.19
CA MET A 298 -32.35 18.53 30.87
C MET A 298 -32.14 17.05 30.88
N SER A 299 -31.92 16.46 32.08
CA SER A 299 -31.78 15.05 32.25
C SER A 299 -33.07 14.33 32.66
N GLN A 300 -34.18 15.03 32.83
CA GLN A 300 -35.45 14.32 33.09
C GLN A 300 -35.75 13.38 31.88
N PRO A 301 -36.04 12.11 32.17
CA PRO A 301 -36.10 11.12 31.08
C PRO A 301 -37.15 11.38 30.00
N ASP A 302 -38.27 11.97 30.37
CA ASP A 302 -39.32 12.22 29.40
C ASP A 302 -38.92 13.37 28.50
N VAL A 303 -38.33 14.41 29.09
CA VAL A 303 -37.81 15.56 28.36
C VAL A 303 -36.79 15.13 27.30
N GLN A 304 -35.84 14.34 27.74
CA GLN A 304 -34.85 13.73 26.87
C GLN A 304 -35.46 12.90 25.71
N LEU A 305 -36.29 11.94 26.05
CA LEU A 305 -36.94 11.09 25.04
C LEU A 305 -37.73 11.89 23.99
N SER A 306 -38.42 12.94 24.42
CA SER A 306 -39.15 13.82 23.49
C SER A 306 -38.30 14.27 22.31
N TRP A 307 -37.16 14.91 22.59
CA TRP A 307 -36.26 15.43 21.54
C TRP A 307 -35.41 14.37 20.88
N LEU A 308 -34.95 13.36 21.64
CA LEU A 308 -34.16 12.25 21.08
C LEU A 308 -34.95 11.48 20.00
N LYS A 309 -36.17 11.09 20.32
CA LYS A 309 -36.97 10.36 19.35
C LYS A 309 -37.25 11.23 18.12
N ASP A 310 -37.59 12.48 18.36
CA ASP A 310 -37.91 13.40 17.26
C ASP A 310 -36.78 13.48 16.22
N THR A 311 -35.56 13.39 16.73
CA THR A 311 -34.34 13.53 15.94
C THR A 311 -33.66 12.21 15.59
N ASN A 312 -34.25 11.06 15.93
CA ASN A 312 -33.61 9.78 15.78
C ASN A 312 -32.26 9.72 16.48
N SER A 313 -32.09 10.47 17.56
CA SER A 313 -30.80 10.51 18.25
C SER A 313 -30.78 9.34 19.24
N MET A 314 -29.57 8.87 19.51
CA MET A 314 -29.39 7.78 20.49
C MET A 314 -29.32 8.32 21.90
N PRO A 315 -30.19 7.82 22.77
CA PRO A 315 -30.04 8.03 24.22
C PRO A 315 -28.78 7.47 24.82
N ALA A 316 -28.12 8.25 25.70
CA ALA A 316 -27.03 7.71 26.57
C ALA A 316 -27.53 7.03 27.80
N ARG A 317 -28.79 7.23 28.12
CA ARG A 317 -29.43 6.61 29.24
C ARG A 317 -29.99 5.24 28.86
N MET A 318 -29.69 4.21 29.69
CA MET A 318 -29.97 2.83 29.32
C MET A 318 -31.46 2.52 29.21
N ASP A 319 -32.26 2.93 30.19
CA ASP A 319 -33.68 2.49 30.20
C ASP A 319 -34.53 3.13 29.11
N ALA A 320 -34.00 4.20 28.51
CA ALA A 320 -34.63 4.80 27.35
C ALA A 320 -34.73 3.85 26.13
N TRP A 321 -33.77 2.94 25.99
CA TRP A 321 -33.82 1.95 24.89
C TRP A 321 -34.88 0.88 25.15
N GLU A 322 -35.58 0.96 26.29
CA GLU A 322 -36.76 0.11 26.55
C GLU A 322 -38.02 0.69 25.90
N ASP A 323 -37.99 1.93 25.44
CA ASP A 323 -39.14 2.60 24.83
C ASP A 323 -39.59 1.84 23.59
N ASP A 324 -40.90 1.64 23.44
CA ASP A 324 -41.47 0.76 22.41
C ASP A 324 -41.07 1.15 21.00
N MET A 325 -41.15 2.45 20.71
CA MET A 325 -40.79 3.00 19.41
C MET A 325 -39.32 2.89 19.11
N LEU A 326 -38.42 3.11 20.09
CA LEU A 326 -36.97 2.87 19.87
C LEU A 326 -36.65 1.44 19.58
N LYS A 327 -37.07 0.52 20.43
CA LYS A 327 -36.85 -0.93 20.22
C LYS A 327 -37.19 -1.42 18.81
N ASN A 328 -38.25 -0.85 18.22
CA ASN A 328 -38.82 -1.40 17.01
C ASN A 328 -38.54 -0.61 15.73
N ASP A 329 -37.88 0.54 15.83
CA ASP A 329 -37.56 1.35 14.66
C ASP A 329 -36.35 0.70 14.01
N PRO A 330 -36.34 0.53 12.68
CA PRO A 330 -35.16 -0.14 12.06
C PRO A 330 -33.84 0.59 12.17
N TYR A 331 -33.87 1.91 12.21
CA TYR A 331 -32.65 2.70 12.39
C TYR A 331 -32.07 2.55 13.77
N TYR A 332 -32.94 2.55 14.77
CA TYR A 332 -32.53 2.34 16.16
C TYR A 332 -32.00 0.91 16.43
N LYS A 333 -32.61 -0.09 15.77
CA LYS A 333 -32.15 -1.46 15.82
C LYS A 333 -30.64 -1.64 15.36
N VAL A 334 -30.30 -1.04 14.24
CA VAL A 334 -28.93 -1.05 13.75
C VAL A 334 -28.00 -0.28 14.67
N PHE A 335 -28.43 0.90 15.13
CA PHE A 335 -27.60 1.69 16.03
C PHE A 335 -27.38 0.93 17.31
N GLY A 336 -28.44 0.26 17.75
CA GLY A 336 -28.42 -0.40 19.02
C GLY A 336 -27.51 -1.60 18.98
N GLU A 337 -27.56 -2.35 17.90
CA GLU A 337 -26.65 -3.41 17.63
C GLU A 337 -25.14 -2.94 17.57
N GLN A 338 -24.89 -1.86 16.87
CA GLN A 338 -23.53 -1.33 16.70
C GLN A 338 -22.98 -0.86 18.07
N MET A 339 -23.85 -0.28 18.89
CA MET A 339 -23.45 0.35 20.10
C MET A 339 -22.96 -0.74 21.07
N LYS A 340 -23.50 -1.97 20.93
CA LYS A 340 -23.05 -3.07 21.77
C LYS A 340 -21.52 -3.18 21.85
N THR A 341 -20.79 -2.92 20.79
CA THR A 341 -19.33 -3.02 20.79
C THR A 341 -18.65 -1.67 20.50
N ALA A 342 -19.37 -0.57 20.55
CA ALA A 342 -18.73 0.67 20.17
C ALA A 342 -17.80 1.14 21.30
N GLU A 343 -16.67 1.68 20.95
CA GLU A 343 -15.75 2.11 21.95
C GLU A 343 -15.39 3.56 21.70
N PRO A 344 -15.34 4.36 22.76
CA PRO A 344 -14.81 5.71 22.56
C PRO A 344 -13.45 5.80 21.88
N MET A 345 -13.22 6.86 21.16
CA MET A 345 -11.88 7.21 20.84
C MET A 345 -11.00 7.21 22.09
N PRO A 346 -9.66 7.02 21.92
CA PRO A 346 -8.71 7.12 23.02
C PRO A 346 -8.95 8.35 23.86
N LEU A 347 -9.17 8.09 25.14
CA LEU A 347 -9.67 9.07 26.04
C LEU A 347 -8.42 9.72 26.65
N ILE A 348 -7.76 10.51 25.84
CA ILE A 348 -6.50 11.11 26.18
C ILE A 348 -6.64 12.58 25.91
N PRO A 349 -5.90 13.40 26.68
CA PRO A 349 -6.02 14.84 26.60
C PRO A 349 -5.51 15.44 25.28
N GLN A 350 -4.67 14.71 24.53
CA GLN A 350 -4.23 15.25 23.28
C GLN A 350 -5.01 14.63 22.10
N PHE A 351 -6.21 14.08 22.35
CA PHE A 351 -6.89 13.37 21.29
C PHE A 351 -7.08 14.27 20.05
N GLU A 352 -7.64 15.46 20.24
CA GLU A 352 -7.96 16.29 19.06
C GLU A 352 -6.75 16.64 18.23
N GLU A 353 -5.65 16.99 18.89
CA GLU A 353 -4.40 17.31 18.20
C GLU A 353 -3.92 16.11 17.40
N ILE A 354 -4.02 14.93 18.02
CA ILE A 354 -3.64 13.71 17.35
C ILE A 354 -4.53 13.41 16.11
N ALA A 355 -5.85 13.57 16.27
CA ALA A 355 -6.76 13.39 15.18
C ALA A 355 -6.53 14.40 14.03
N GLN A 356 -6.16 15.62 14.38
CA GLN A 356 -5.80 16.63 13.35
C GLN A 356 -4.46 16.27 12.69
N LEU A 357 -3.53 15.70 13.45
CA LEU A 357 -2.30 15.23 12.81
C LEU A 357 -2.58 14.08 11.88
N TYR A 358 -3.53 13.22 12.26
CA TYR A 358 -3.90 12.13 11.35
C TYR A 358 -4.43 12.73 10.06
N GLY A 359 -5.33 13.69 10.21
CA GLY A 359 -5.91 14.42 9.07
C GLY A 359 -4.88 14.94 8.09
N LYS A 360 -3.84 15.59 8.60
CA LYS A 360 -2.77 16.10 7.75
C LYS A 360 -2.00 15.00 7.02
N SER A 361 -1.72 13.91 7.74
CA SER A 361 -1.02 12.77 7.19
C SER A 361 -1.91 12.05 6.15
N TRP A 362 -3.19 11.88 6.47
CA TRP A 362 -4.18 11.35 5.50
C TRP A 362 -4.18 12.18 4.20
N GLU A 363 -4.20 13.50 4.36
CA GLU A 363 -4.21 14.34 3.19
C GLU A 363 -2.92 14.20 2.37
N GLN A 364 -1.77 14.19 3.03
CA GLN A 364 -0.53 13.89 2.32
C GLN A 364 -0.62 12.61 1.47
N ILE A 365 -1.29 11.57 1.97
CA ILE A 365 -1.50 10.33 1.26
C ILE A 365 -2.48 10.45 0.12
N TYR A 366 -3.72 10.82 0.45
CA TYR A 366 -4.78 10.70 -0.53
C TYR A 366 -4.70 11.81 -1.55
N ARG A 367 -4.19 12.99 -1.18
CA ARG A 367 -4.04 14.12 -2.10
C ARG A 367 -2.58 14.31 -2.55
N GLY A 368 -1.61 14.16 -1.66
CA GLY A 368 -0.20 14.40 -2.01
C GLY A 368 0.49 13.16 -2.61
N GLY A 369 -0.16 12.00 -2.58
CA GLY A 369 0.44 10.75 -3.02
C GLY A 369 1.63 10.23 -2.22
N ALA A 370 1.78 10.66 -0.97
CA ALA A 370 2.82 10.15 -0.11
C ALA A 370 2.71 8.64 0.08
N ASP A 371 3.86 7.99 0.30
CA ASP A 371 3.86 6.59 0.72
C ASP A 371 3.21 6.41 2.11
N VAL A 372 2.36 5.41 2.21
CA VAL A 372 1.66 5.15 3.46
C VAL A 372 2.61 4.81 4.63
N GLN A 373 3.56 3.91 4.42
CA GLN A 373 4.41 3.53 5.53
C GLN A 373 5.28 4.73 5.97
N THR A 374 5.83 5.42 4.98
CA THR A 374 6.66 6.55 5.24
C THR A 374 5.87 7.64 5.93
N GLN A 375 4.63 7.92 5.50
CA GLN A 375 3.77 8.91 6.17
C GLN A 375 3.38 8.50 7.58
N MET A 376 3.02 7.21 7.77
CA MET A 376 2.70 6.69 9.09
C MET A 376 3.91 6.72 10.05
N ASP A 377 5.14 6.53 9.53
CA ASP A 377 6.34 6.71 10.33
C ASP A 377 6.41 8.14 10.88
N THR A 378 6.27 9.09 9.98
CA THR A 378 6.26 10.50 10.29
C THR A 378 5.15 10.82 11.31
N PHE A 379 3.93 10.33 11.05
CA PHE A 379 2.80 10.56 11.92
C PHE A 379 3.08 10.03 13.32
N ASN A 380 3.48 8.75 13.42
CA ASN A 380 3.72 8.10 14.70
C ASN A 380 4.78 8.84 15.50
N ASP A 381 5.85 9.30 14.85
CA ASP A 381 6.92 10.12 15.50
C ASP A 381 6.33 11.43 16.01
N GLN A 382 5.48 12.08 15.24
CA GLN A 382 4.80 13.27 15.72
C GLN A 382 4.00 13.00 17.01
N VAL A 383 3.27 11.91 17.01
CA VAL A 383 2.45 11.59 18.15
C VAL A 383 3.32 11.29 19.36
N GLU A 384 4.44 10.57 19.16
CA GLU A 384 5.37 10.18 20.23
C GLU A 384 5.96 11.42 20.84
N ALA A 385 6.22 12.41 19.99
CA ALA A 385 6.81 13.66 20.42
C ALA A 385 5.84 14.45 21.32
N LEU A 386 4.56 14.51 20.91
CA LEU A 386 3.49 15.10 21.73
C LEU A 386 3.31 14.44 23.10
N LEU A 387 3.32 13.11 23.12
CA LEU A 387 3.10 12.36 24.34
C LEU A 387 4.26 12.48 25.30
N LYS A 388 5.47 12.54 24.75
CA LYS A 388 6.66 12.75 25.54
C LYS A 388 6.60 14.14 26.17
N LYS A 389 6.18 15.16 25.41
CA LYS A 389 5.99 16.51 25.94
C LYS A 389 5.05 16.53 27.17
N LEU A 390 3.90 15.91 27.01
CA LEU A 390 2.91 15.87 28.07
C LEU A 390 3.48 15.19 29.28
N GLU A 391 4.18 14.10 29.09
CA GLU A 391 4.85 13.39 30.20
C GLU A 391 5.88 14.28 30.94
N HIS A 392 6.66 15.10 30.22
CA HIS A 392 7.61 16.02 30.87
C HIS A 392 6.89 17.06 31.71
N HIS A 393 5.74 17.55 31.22
CA HIS A 393 4.92 18.46 32.01
C HIS A 393 4.35 17.78 33.24
N HIS A 394 4.06 16.48 33.15
CA HIS A 394 3.53 15.71 34.28
C HIS A 394 4.55 15.21 35.29
N HIS A 395 5.83 15.15 34.91
CA HIS A 395 6.90 14.43 35.63
C HIS A 395 8.26 15.05 35.27
N SER B 9 24.92 -16.60 -48.80
CA SER B 9 24.44 -17.91 -49.38
C SER B 9 24.97 -19.10 -48.58
N LYS B 10 26.29 -19.20 -48.48
CA LYS B 10 26.95 -20.16 -47.58
C LYS B 10 27.55 -19.44 -46.34
N VAL B 11 27.28 -18.15 -46.16
CA VAL B 11 27.68 -17.39 -44.97
C VAL B 11 26.83 -17.87 -43.79
N LEU B 12 27.44 -18.13 -42.66
CA LEU B 12 26.75 -18.56 -41.46
C LEU B 12 26.19 -17.32 -40.71
N ASN B 13 24.87 -17.26 -40.51
CA ASN B 13 24.19 -16.06 -40.02
C ASN B 13 23.99 -16.24 -38.53
N VAL B 14 24.51 -15.36 -37.72
CA VAL B 14 24.46 -15.43 -36.24
C VAL B 14 23.75 -14.18 -35.75
N TRP B 15 22.71 -14.36 -34.93
CA TRP B 15 22.07 -13.26 -34.20
C TRP B 15 22.57 -13.24 -32.75
N ALA B 16 23.08 -12.07 -32.38
CA ALA B 16 23.67 -11.81 -31.07
C ALA B 16 23.08 -10.52 -30.54
N MET B 17 23.34 -10.25 -29.23
CA MET B 17 22.69 -9.12 -28.56
C MET B 17 23.60 -8.43 -27.58
N GLY B 18 23.35 -7.14 -27.33
CA GLY B 18 24.07 -6.38 -26.30
C GLY B 18 25.56 -6.21 -26.54
N ASP B 19 26.27 -5.85 -25.48
CA ASP B 19 27.74 -5.67 -25.46
C ASP B 19 28.55 -6.94 -25.79
N GLU B 20 27.99 -8.06 -25.34
CA GLU B 20 28.58 -9.38 -25.57
C GLU B 20 28.66 -9.75 -27.06
N ALA B 21 27.82 -9.15 -27.90
CA ALA B 21 27.90 -9.40 -29.34
C ALA B 21 29.26 -9.08 -29.93
N LYS B 22 29.91 -8.06 -29.38
CA LYS B 22 31.23 -7.64 -29.83
C LYS B 22 32.27 -8.72 -29.58
N SER B 23 32.14 -9.41 -28.46
CA SER B 23 33.03 -10.52 -28.15
C SER B 23 32.82 -11.66 -29.10
N LEU B 24 31.55 -12.00 -29.35
CA LEU B 24 31.20 -13.03 -30.28
C LEU B 24 31.71 -12.73 -31.67
N LYS B 25 31.59 -11.51 -32.13
CA LYS B 25 32.06 -11.15 -33.43
C LYS B 25 33.57 -11.28 -33.55
N GLU B 26 34.33 -10.85 -32.56
CA GLU B 26 35.76 -10.95 -32.60
C GLU B 26 36.19 -12.37 -32.66
N LEU B 27 35.59 -13.21 -31.84
CA LEU B 27 35.87 -14.61 -31.80
C LEU B 27 35.44 -15.25 -33.12
N ALA B 28 34.35 -14.83 -33.70
CA ALA B 28 33.97 -15.36 -35.02
C ALA B 28 35.05 -15.15 -36.11
N GLN B 29 35.91 -14.14 -35.96
CA GLN B 29 36.97 -13.98 -36.96
C GLN B 29 38.02 -15.09 -36.82
N LYS B 30 38.41 -15.49 -35.61
CA LYS B 30 39.33 -16.66 -35.54
C LYS B 30 38.67 -17.92 -36.08
N PHE B 31 37.40 -18.11 -35.77
CA PHE B 31 36.63 -19.23 -36.31
C PHE B 31 36.73 -19.37 -37.84
N THR B 32 36.47 -18.27 -38.54
CA THR B 32 36.54 -18.22 -39.99
C THR B 32 37.98 -18.46 -40.55
N LYS B 33 38.99 -17.90 -39.87
CA LYS B 33 40.41 -18.21 -40.19
C LYS B 33 40.70 -19.74 -40.10
N ASP B 34 40.23 -20.37 -39.04
CA ASP B 34 40.54 -21.76 -38.79
C ASP B 34 39.67 -22.74 -39.61
N THR B 35 38.47 -22.32 -40.06
CA THR B 35 37.54 -23.20 -40.78
C THR B 35 37.21 -22.83 -42.23
N GLY B 36 37.35 -21.57 -42.60
CA GLY B 36 36.91 -21.02 -43.86
C GLY B 36 35.42 -20.81 -43.96
N ILE B 37 34.71 -20.90 -42.84
CA ILE B 37 33.28 -20.72 -42.76
C ILE B 37 33.09 -19.25 -42.46
N GLU B 38 32.68 -18.46 -43.43
CA GLU B 38 32.38 -17.06 -43.21
C GLU B 38 31.17 -16.99 -42.29
N VAL B 39 31.25 -16.00 -41.38
CA VAL B 39 30.23 -15.74 -40.37
C VAL B 39 29.82 -14.30 -40.44
N LYS B 40 28.52 -14.06 -40.38
CA LYS B 40 27.97 -12.73 -40.32
C LYS B 40 27.11 -12.57 -39.07
N VAL B 41 27.59 -11.77 -38.13
CA VAL B 41 26.92 -11.52 -36.88
C VAL B 41 26.06 -10.29 -36.95
N GLN B 42 24.80 -10.47 -36.62
CA GLN B 42 23.78 -9.45 -36.61
C GLN B 42 23.67 -8.96 -35.20
N VAL B 43 23.74 -7.67 -34.98
CA VAL B 43 23.66 -7.17 -33.62
C VAL B 43 22.28 -6.63 -33.36
N ILE B 44 21.59 -7.20 -32.39
CA ILE B 44 20.24 -6.75 -32.09
C ILE B 44 20.16 -6.32 -30.63
N PRO B 45 19.73 -5.08 -30.36
CA PRO B 45 19.47 -4.65 -28.99
C PRO B 45 18.49 -5.59 -28.30
N TRP B 46 18.74 -5.83 -27.02
CA TRP B 46 17.86 -6.59 -26.19
C TRP B 46 16.43 -6.10 -26.20
N ALA B 47 16.21 -4.79 -26.29
CA ALA B 47 14.87 -4.26 -26.32
C ALA B 47 14.09 -4.61 -27.59
N ASN B 48 14.76 -5.00 -28.66
CA ASN B 48 14.07 -5.40 -29.92
C ASN B 48 14.20 -6.86 -30.27
N ALA B 49 14.92 -7.60 -29.46
CA ALA B 49 15.30 -8.94 -29.86
C ALA B 49 14.09 -9.86 -29.83
N HIS B 50 13.21 -9.66 -28.86
CA HIS B 50 12.01 -10.48 -28.80
C HIS B 50 11.10 -10.42 -30.07
N ASP B 51 10.76 -9.20 -30.50
CA ASP B 51 10.05 -8.93 -31.77
C ASP B 51 10.74 -9.60 -32.96
N LYS B 52 12.05 -9.39 -33.02
CA LYS B 52 12.85 -9.98 -34.08
C LYS B 52 12.71 -11.52 -34.13
N LEU B 53 12.78 -12.18 -32.97
CA LEU B 53 12.60 -13.62 -32.88
C LEU B 53 11.19 -14.05 -33.28
N LEU B 54 10.15 -13.36 -32.79
CA LEU B 54 8.78 -13.67 -33.21
C LEU B 54 8.65 -13.62 -34.75
N THR B 55 9.16 -12.54 -35.37
CA THR B 55 9.14 -12.37 -36.83
C THR B 55 9.81 -13.54 -37.57
N ALA B 56 10.93 -14.01 -37.04
CA ALA B 56 11.65 -15.11 -37.65
C ALA B 56 10.86 -16.40 -37.55
N VAL B 57 10.15 -16.63 -36.46
CA VAL B 57 9.19 -17.75 -36.38
C VAL B 57 8.06 -17.62 -37.42
N ALA B 58 7.39 -16.48 -37.45
CA ALA B 58 6.30 -16.22 -38.37
C ALA B 58 6.70 -16.43 -39.81
N SER B 59 7.89 -15.95 -40.20
CA SER B 59 8.38 -16.15 -41.57
C SER B 59 9.19 -17.42 -41.77
N LYS B 60 9.48 -18.16 -40.72
CA LYS B 60 10.37 -19.33 -40.78
C LYS B 60 11.70 -19.02 -41.52
N SER B 61 12.26 -17.88 -41.21
CA SER B 61 13.57 -17.54 -41.74
C SER B 61 14.22 -16.62 -40.76
N GLY B 62 15.49 -16.82 -40.61
CA GLY B 62 16.16 -16.19 -39.54
C GLY B 62 17.53 -16.68 -39.62
N PRO B 63 18.24 -16.69 -38.50
CA PRO B 63 19.67 -16.92 -38.56
C PRO B 63 19.92 -18.39 -38.60
N ASP B 64 21.21 -18.77 -38.57
CA ASP B 64 21.59 -20.15 -38.36
C ASP B 64 21.84 -20.40 -36.91
N VAL B 65 22.67 -19.56 -36.30
CA VAL B 65 22.91 -19.60 -34.85
C VAL B 65 22.22 -18.41 -34.26
N VAL B 66 21.57 -18.63 -33.15
CA VAL B 66 20.87 -17.56 -32.45
C VAL B 66 21.29 -17.55 -30.96
N GLN B 67 21.79 -16.42 -30.50
CA GLN B 67 21.89 -16.15 -29.08
C GLN B 67 20.45 -15.99 -28.52
N MET B 68 20.17 -16.75 -27.48
CA MET B 68 18.88 -16.80 -26.85
C MET B 68 19.02 -16.35 -25.43
N GLY B 69 18.38 -15.24 -25.10
CA GLY B 69 18.08 -14.90 -23.70
C GLY B 69 17.43 -16.09 -22.99
N THR B 70 17.97 -16.43 -21.82
CA THR B 70 17.48 -17.60 -21.09
C THR B 70 15.94 -17.58 -20.85
N THR B 71 15.37 -16.41 -20.57
CA THR B 71 13.93 -16.33 -20.27
C THR B 71 13.01 -16.59 -21.46
N TRP B 72 13.60 -16.49 -22.69
CA TRP B 72 12.88 -16.81 -23.92
C TRP B 72 13.04 -18.21 -24.43
N MET B 73 13.84 -19.01 -23.77
CA MET B 73 14.06 -20.39 -24.21
C MET B 73 12.74 -21.20 -24.27
N PRO B 74 11.93 -21.18 -23.18
CA PRO B 74 10.64 -21.90 -23.20
C PRO B 74 9.71 -21.53 -24.34
N GLU B 75 9.57 -20.24 -24.54
CA GLU B 75 8.74 -19.71 -25.65
C GLU B 75 9.19 -20.25 -27.03
N PHE B 76 10.45 -20.13 -27.34
CA PHE B 76 10.86 -20.52 -28.69
C PHE B 76 11.04 -22.01 -28.90
N VAL B 77 11.31 -22.75 -27.84
CA VAL B 77 11.23 -24.21 -27.89
C VAL B 77 9.80 -24.59 -28.18
N GLU B 78 8.86 -24.00 -27.47
CA GLU B 78 7.44 -24.25 -27.68
C GLU B 78 7.00 -23.91 -29.10
N ALA B 79 7.45 -22.77 -29.60
CA ALA B 79 7.12 -22.35 -30.97
C ALA B 79 7.78 -23.23 -32.09
N GLY B 80 8.58 -24.24 -31.72
CA GLY B 80 9.21 -25.13 -32.71
C GLY B 80 10.40 -24.50 -33.42
N ALA B 81 10.97 -23.46 -32.85
CA ALA B 81 11.95 -22.66 -33.56
C ALA B 81 13.39 -23.06 -33.30
N LEU B 82 13.62 -23.88 -32.29
CA LEU B 82 14.97 -24.26 -31.93
C LEU B 82 15.15 -25.75 -32.13
N LEU B 83 16.32 -26.07 -32.66
CA LEU B 83 16.68 -27.39 -32.99
C LEU B 83 17.11 -28.18 -31.72
N ASP B 84 16.53 -29.39 -31.61
CA ASP B 84 16.86 -30.44 -30.63
C ASP B 84 18.24 -30.91 -31.02
N ILE B 85 19.22 -30.57 -30.19
CA ILE B 85 20.63 -30.88 -30.43
C ILE B 85 21.12 -31.84 -29.35
N THR B 86 20.18 -32.56 -28.73
CA THR B 86 20.44 -33.43 -27.60
C THR B 86 21.59 -34.39 -27.94
N LYS B 87 21.44 -35.12 -29.04
CA LYS B 87 22.43 -36.10 -29.46
C LYS B 87 23.79 -35.42 -29.65
N ASP B 88 23.79 -34.23 -30.24
CA ASP B 88 25.04 -33.63 -30.68
C ASP B 88 25.83 -33.10 -29.49
N VAL B 89 25.15 -32.55 -28.48
CA VAL B 89 25.84 -32.03 -27.30
C VAL B 89 26.16 -33.04 -26.22
N GLU B 90 25.32 -34.07 -26.01
CA GLU B 90 25.63 -35.15 -24.99
C GLU B 90 27.02 -35.73 -25.20
N LYS B 91 27.39 -35.85 -26.47
CA LYS B 91 28.67 -36.40 -26.89
C LYS B 91 29.82 -35.42 -27.02
N SER B 92 29.53 -34.16 -27.34
CA SER B 92 30.56 -33.14 -27.53
C SER B 92 31.51 -33.04 -26.34
N LYS B 93 32.76 -32.67 -26.60
CA LYS B 93 33.69 -32.43 -25.50
C LYS B 93 33.41 -31.10 -24.78
N ASN B 94 32.93 -30.08 -25.47
CA ASN B 94 32.73 -28.76 -24.80
C ASN B 94 31.27 -28.27 -24.53
N MET B 95 30.28 -29.06 -24.97
CA MET B 95 28.87 -28.67 -24.88
C MET B 95 27.94 -29.55 -24.04
N ASN B 96 28.52 -30.55 -23.40
CA ASN B 96 27.77 -31.46 -22.56
C ASN B 96 27.27 -30.75 -21.27
N SER B 97 26.01 -31.01 -20.95
CA SER B 97 25.30 -30.38 -19.84
C SER B 97 26.04 -30.33 -18.52
N ASP B 98 26.71 -31.45 -18.18
CA ASP B 98 27.37 -31.55 -16.90
C ASP B 98 28.53 -30.59 -16.68
N LEU B 99 28.99 -29.90 -17.72
CA LEU B 99 29.98 -28.86 -17.55
C LEU B 99 29.38 -27.62 -16.93
N PHE B 100 28.05 -27.44 -17.02
CA PHE B 100 27.44 -26.14 -16.68
C PHE B 100 26.66 -26.21 -15.41
N PHE B 101 26.33 -25.05 -14.84
CA PHE B 101 25.57 -24.99 -13.63
C PHE B 101 24.15 -25.51 -13.92
N PRO B 102 23.58 -26.33 -13.00
CA PRO B 102 22.22 -26.87 -13.22
C PRO B 102 21.16 -25.81 -13.46
N GLY B 103 21.28 -24.64 -12.83
CA GLY B 103 20.34 -23.55 -13.11
C GLY B 103 20.43 -23.08 -14.56
N SER B 104 21.67 -22.98 -15.08
CA SER B 104 21.87 -22.64 -16.50
C SER B 104 21.31 -23.74 -17.44
N VAL B 105 21.58 -24.98 -17.07
CA VAL B 105 21.11 -26.12 -17.82
C VAL B 105 19.56 -26.25 -17.88
N LYS B 106 18.89 -25.92 -16.77
CA LYS B 106 17.43 -25.86 -16.77
C LYS B 106 16.87 -24.96 -17.86
N THR B 107 17.63 -23.93 -18.24
CA THR B 107 17.19 -23.03 -19.32
C THR B 107 17.39 -23.62 -20.72
N THR B 108 18.14 -24.73 -20.84
CA THR B 108 18.31 -25.42 -22.13
C THR B 108 17.50 -26.74 -22.36
N GLN B 109 16.97 -27.33 -21.28
CA GLN B 109 16.34 -28.62 -21.31
C GLN B 109 14.80 -28.57 -21.09
N PHE B 110 14.07 -29.12 -22.06
CA PHE B 110 12.61 -29.18 -22.10
C PHE B 110 12.18 -30.57 -22.60
N ASP B 111 11.41 -31.25 -21.76
CA ASP B 111 10.88 -32.57 -22.11
C ASP B 111 11.98 -33.57 -22.47
N GLY B 112 13.03 -33.59 -21.66
CA GLY B 112 14.20 -34.46 -21.92
C GLY B 112 15.11 -34.17 -23.12
N LYS B 113 14.87 -33.06 -23.81
CA LYS B 113 15.64 -32.69 -24.97
C LYS B 113 16.37 -31.35 -24.70
N THR B 114 17.57 -31.26 -25.26
CA THR B 114 18.42 -30.09 -25.14
C THR B 114 18.33 -29.21 -26.40
N TYR B 115 18.06 -27.92 -26.18
CA TYR B 115 17.86 -26.94 -27.27
C TYR B 115 18.88 -25.79 -27.31
N GLY B 116 19.95 -25.89 -26.52
CA GLY B 116 21.03 -24.95 -26.67
C GLY B 116 22.11 -25.27 -25.70
N VAL B 117 23.19 -24.47 -25.72
CA VAL B 117 24.31 -24.61 -24.83
C VAL B 117 24.49 -23.26 -24.15
N PRO B 118 24.68 -23.29 -22.84
CA PRO B 118 24.88 -22.03 -22.11
C PRO B 118 26.11 -21.30 -22.56
N TRP B 119 25.96 -20.01 -22.83
CA TRP B 119 27.07 -19.23 -23.32
C TRP B 119 27.68 -18.34 -22.20
N TYR B 120 26.81 -17.62 -21.48
CA TYR B 120 27.18 -16.94 -20.24
C TYR B 120 25.97 -16.91 -19.31
N ALA B 121 26.26 -16.68 -18.03
CA ALA B 121 25.24 -16.58 -16.98
C ALA B 121 25.27 -15.21 -16.39
N GLU B 122 24.21 -14.82 -15.71
CA GLU B 122 24.25 -13.61 -14.91
C GLU B 122 23.29 -13.71 -13.74
N THR B 123 23.55 -12.93 -12.70
CA THR B 123 22.60 -12.69 -11.65
C THR B 123 22.67 -11.21 -11.26
N ARG B 124 21.66 -10.76 -10.55
CA ARG B 124 21.54 -9.34 -10.17
C ARG B 124 21.94 -9.11 -8.71
N VAL B 125 22.73 -8.07 -8.48
CA VAL B 125 23.26 -7.73 -7.16
C VAL B 125 23.05 -6.26 -6.93
N LEU B 126 23.30 -5.81 -5.71
CA LEU B 126 23.19 -4.42 -5.30
C LEU B 126 24.52 -3.70 -5.58
N PHE B 127 24.44 -2.58 -6.27
CA PHE B 127 25.59 -1.70 -6.46
C PHE B 127 25.36 -0.52 -5.52
N TYR B 128 26.39 -0.10 -4.80
CA TYR B 128 26.27 1.02 -3.87
C TYR B 128 27.57 1.79 -3.70
N ARG B 129 27.39 3.09 -3.51
CA ARG B 129 28.46 4.00 -3.16
C ARG B 129 28.84 3.86 -1.69
N THR B 130 30.03 3.31 -1.42
CA THR B 130 30.43 3.01 -0.05
C THR B 130 30.53 4.27 0.83
N ASP B 131 31.04 5.32 0.21
CA ASP B 131 31.28 6.60 0.89
C ASP B 131 29.94 7.31 1.18
N LEU B 132 28.99 7.27 0.25
CA LEU B 132 27.67 7.91 0.47
C LEU B 132 26.85 7.18 1.49
N LEU B 133 26.96 5.86 1.51
CA LEU B 133 26.29 5.05 2.51
C LEU B 133 26.82 5.33 3.92
N LYS B 134 28.14 5.41 4.08
CA LYS B 134 28.72 5.74 5.37
C LYS B 134 28.27 7.09 5.88
N LYS B 135 28.09 8.02 4.96
CA LYS B 135 27.60 9.35 5.29
C LYS B 135 26.17 9.31 5.91
N VAL B 136 25.33 8.35 5.52
CA VAL B 136 24.01 8.17 6.13
C VAL B 136 23.95 7.04 7.17
N GLY B 137 25.13 6.73 7.74
CA GLY B 137 25.29 5.79 8.88
C GLY B 137 25.39 4.31 8.54
N TYR B 138 25.59 4.01 7.27
CA TYR B 138 25.71 2.60 6.77
C TYR B 138 27.16 2.27 6.40
N ASN B 139 27.87 1.61 7.31
CA ASN B 139 29.25 1.15 7.07
C ASN B 139 29.32 -0.14 6.27
N GLU B 140 28.15 -0.73 5.95
CA GLU B 140 28.02 -1.94 5.15
C GLU B 140 26.82 -1.67 4.24
N ALA B 141 26.70 -2.43 3.17
CA ALA B 141 25.49 -2.38 2.31
C ALA B 141 24.25 -2.68 3.13
N PRO B 142 23.11 -2.05 2.79
CA PRO B 142 21.82 -2.48 3.39
C PRO B 142 21.66 -3.99 3.23
N LYS B 143 21.28 -4.66 4.32
CA LYS B 143 21.12 -6.14 4.23
C LYS B 143 19.67 -6.61 4.34
N THR B 144 18.75 -5.69 4.56
CA THR B 144 17.32 -6.00 4.65
C THR B 144 16.44 -5.01 3.83
N TRP B 145 15.22 -5.42 3.49
CA TRP B 145 14.29 -4.49 2.87
C TRP B 145 14.14 -3.18 3.66
N ASP B 146 13.97 -3.27 4.99
CA ASP B 146 13.87 -2.08 5.83
C ASP B 146 15.14 -1.20 5.73
N GLU B 147 16.31 -1.82 5.77
CA GLU B 147 17.58 -1.08 5.56
C GLU B 147 17.70 -0.40 4.21
N LEU B 148 17.26 -1.07 3.16
CA LEU B 148 17.35 -0.52 1.82
C LEU B 148 16.46 0.69 1.70
N SER B 149 15.25 0.54 2.20
CA SER B 149 14.27 1.62 2.30
C SER B 149 14.79 2.79 3.16
N ASP B 150 15.34 2.48 4.32
CA ASP B 150 15.84 3.50 5.27
C ASP B 150 17.03 4.25 4.63
N ALA B 151 18.01 3.50 4.10
CA ALA B 151 19.21 4.11 3.51
C ALA B 151 18.85 4.95 2.32
N ALA B 152 17.93 4.43 1.50
CA ALA B 152 17.51 5.16 0.30
C ALA B 152 16.84 6.49 0.64
N LEU B 153 16.04 6.49 1.68
CA LEU B 153 15.30 7.66 1.97
C LEU B 153 16.25 8.69 2.57
N LYS B 154 17.08 8.26 3.50
CA LYS B 154 18.17 9.15 4.00
C LYS B 154 19.01 9.70 2.85
N LEU B 155 19.42 8.87 1.90
CA LEU B 155 20.14 9.40 0.77
C LEU B 155 19.37 10.44 -0.08
N SER B 156 18.09 10.21 -0.32
CA SER B 156 17.31 11.17 -1.13
C SER B 156 17.00 12.46 -0.37
N LYS B 157 17.05 12.42 0.95
CA LYS B 157 16.97 13.66 1.72
C LYS B 157 18.23 14.55 1.68
N ARG B 158 19.29 14.17 0.97
CA ARG B 158 20.43 15.10 0.72
C ARG B 158 19.97 16.37 -0.01
N GLY B 159 18.91 16.28 -0.80
CA GLY B 159 18.35 17.47 -1.42
C GLY B 159 17.58 17.11 -2.67
N LYS B 160 17.04 18.14 -3.31
CA LYS B 160 16.26 17.91 -4.50
C LYS B 160 17.18 17.40 -5.64
N ASP B 161 16.61 16.61 -6.51
CA ASP B 161 17.35 15.92 -7.58
C ASP B 161 18.50 15.06 -7.07
N MET B 162 18.24 14.39 -5.97
CA MET B 162 19.19 13.46 -5.36
C MET B 162 18.35 12.33 -4.84
N TYR B 163 18.71 11.09 -5.15
CA TYR B 163 17.86 9.94 -4.83
C TYR B 163 18.64 8.95 -3.93
N GLY B 164 18.05 7.78 -3.69
CA GLY B 164 18.65 6.73 -2.93
C GLY B 164 18.74 5.36 -3.57
N PHE B 165 17.89 5.09 -4.55
CA PHE B 165 17.82 3.78 -5.17
C PHE B 165 17.16 3.95 -6.53
N ALA B 166 17.32 2.99 -7.43
CA ALA B 166 16.64 3.00 -8.70
C ALA B 166 15.81 1.74 -8.91
N ILE B 167 14.66 1.90 -9.50
CA ILE B 167 13.81 0.78 -9.94
C ILE B 167 13.60 1.03 -11.44
N ASP B 168 14.15 0.11 -12.24
CA ASP B 168 14.08 0.15 -13.69
C ASP B 168 12.69 -0.37 -14.13
N PRO B 169 11.83 0.49 -14.68
CA PRO B 169 10.45 0.07 -15.02
C PRO B 169 10.35 -0.90 -16.19
N ASN B 170 11.46 -1.04 -16.91
CA ASN B 170 11.54 -1.95 -18.06
C ASN B 170 12.25 -3.26 -17.79
N GLU B 171 12.76 -3.45 -16.55
CA GLU B 171 13.44 -4.60 -16.16
C GLU B 171 12.44 -5.69 -15.82
N GLN B 172 12.46 -6.74 -16.61
CA GLN B 172 11.53 -7.83 -16.49
C GLN B 172 11.67 -8.58 -15.12
N THR B 173 12.86 -8.64 -14.59
CA THR B 173 13.09 -9.41 -13.38
C THR B 173 12.68 -8.73 -12.07
N THR B 174 12.67 -7.41 -12.03
CA THR B 174 12.64 -6.72 -10.70
C THR B 174 11.43 -7.10 -9.80
N GLY B 175 10.24 -6.97 -10.32
CA GLY B 175 9.03 -7.25 -9.51
C GLY B 175 9.03 -8.72 -9.05
N PHE B 176 9.40 -9.62 -9.97
CA PHE B 176 9.43 -11.02 -9.63
C PHE B 176 10.55 -11.40 -8.63
N ILE B 177 11.73 -10.77 -8.76
CA ILE B 177 12.82 -10.99 -7.79
C ILE B 177 12.31 -10.64 -6.39
N PHE B 178 11.77 -9.44 -6.23
CA PHE B 178 11.30 -9.00 -4.91
C PHE B 178 10.09 -9.82 -4.44
N GLY B 179 9.25 -10.25 -5.36
CA GLY B 179 8.10 -10.99 -4.97
C GLY B 179 8.53 -12.29 -4.28
N ARG B 180 9.53 -12.97 -4.86
CA ARG B 180 10.04 -14.20 -4.24
C ARG B 180 10.69 -13.95 -2.89
N GLN B 181 11.32 -12.81 -2.77
CA GLN B 181 12.01 -12.49 -1.57
C GLN B 181 11.00 -12.31 -0.39
N ASN B 182 9.78 -11.89 -0.73
CA ASN B 182 8.71 -11.81 0.27
C ASN B 182 7.88 -13.07 0.31
N GLY B 183 8.41 -14.18 -0.17
CA GLY B 183 7.76 -15.47 0.00
C GLY B 183 6.66 -15.73 -1.04
N SER B 184 6.49 -14.90 -2.07
CA SER B 184 5.54 -15.25 -3.14
C SER B 184 6.14 -16.30 -4.09
N PRO B 185 5.44 -17.41 -4.34
CA PRO B 185 5.93 -18.30 -5.38
C PRO B 185 5.61 -17.84 -6.83
N LEU B 186 4.88 -16.72 -7.02
CA LEU B 186 4.44 -16.19 -8.30
C LEU B 186 3.34 -17.05 -8.92
N PHE B 187 3.62 -18.35 -9.11
CA PHE B 187 2.59 -19.40 -9.40
C PHE B 187 2.57 -20.40 -8.27
N ASP B 188 1.38 -20.71 -7.74
CA ASP B 188 1.28 -21.57 -6.57
C ASP B 188 1.53 -23.05 -7.00
N LYS B 189 1.45 -23.96 -6.05
CA LYS B 189 1.66 -25.39 -6.32
C LYS B 189 0.73 -26.01 -7.42
N ASP B 190 -0.47 -25.47 -7.60
CA ASP B 190 -1.35 -25.83 -8.72
C ASP B 190 -1.00 -25.14 -10.06
N GLY B 191 -0.05 -24.23 -10.09
CA GLY B 191 0.20 -23.35 -11.26
C GLY B 191 -0.65 -22.07 -11.35
N THR B 192 -1.45 -21.79 -10.33
CA THR B 192 -2.32 -20.63 -10.30
C THR B 192 -1.49 -19.41 -10.00
N PRO B 193 -1.59 -18.35 -10.81
CA PRO B 193 -0.88 -17.15 -10.48
C PRO B 193 -1.42 -16.51 -9.24
N VAL B 194 -0.51 -15.97 -8.45
CA VAL B 194 -0.81 -15.41 -7.12
C VAL B 194 -0.22 -14.01 -6.89
N PHE B 195 -0.22 -13.22 -7.96
CA PHE B 195 0.25 -11.83 -7.97
C PHE B 195 -0.66 -10.87 -7.22
N ASN B 196 -1.92 -11.26 -7.10
CA ASN B 196 -2.89 -10.58 -6.26
C ASN B 196 -3.02 -11.07 -4.83
N LYS B 197 -2.17 -11.98 -4.39
CA LYS B 197 -2.15 -12.33 -2.97
C LYS B 197 -1.15 -11.41 -2.22
N LYS B 198 -1.31 -11.36 -0.91
CA LYS B 198 -0.62 -10.45 -0.07
C LYS B 198 0.92 -10.48 -0.20
N PRO B 199 1.54 -11.68 -0.30
CA PRO B 199 3.00 -11.56 -0.48
C PRO B 199 3.45 -10.67 -1.67
N PHE B 200 2.83 -10.83 -2.81
CA PHE B 200 3.22 -10.13 -3.98
C PHE B 200 2.64 -8.71 -3.93
N VAL B 201 1.39 -8.54 -3.45
CA VAL B 201 0.80 -7.23 -3.39
C VAL B 201 1.71 -6.36 -2.44
N ASP B 202 2.14 -6.86 -1.31
CA ASP B 202 2.96 -6.05 -0.41
C ASP B 202 4.34 -5.77 -1.01
N THR B 203 4.84 -6.70 -1.85
CA THR B 203 6.06 -6.47 -2.64
C THR B 203 5.95 -5.20 -3.55
N VAL B 204 4.83 -5.11 -4.29
CA VAL B 204 4.65 -4.04 -5.20
C VAL B 204 4.44 -2.71 -4.45
N THR B 205 3.68 -2.77 -3.34
CA THR B 205 3.58 -1.67 -2.38
C THR B 205 4.95 -1.17 -1.88
N TYR B 206 5.81 -2.10 -1.51
CA TYR B 206 7.16 -1.76 -1.10
C TYR B 206 8.01 -1.10 -2.20
N LEU B 207 7.95 -1.62 -3.41
CA LEU B 207 8.70 -1.01 -4.49
C LEU B 207 8.15 0.39 -4.79
N ASP B 208 6.83 0.50 -4.79
CA ASP B 208 6.21 1.81 -5.01
C ASP B 208 6.54 2.80 -3.89
N SER B 209 6.81 2.33 -2.70
CA SER B 209 7.12 3.25 -1.63
C SER B 209 8.33 4.13 -1.93
N PHE B 210 9.29 3.58 -2.69
CA PHE B 210 10.50 4.36 -3.07
C PHE B 210 10.15 5.46 -4.05
N ILE B 211 9.22 5.15 -4.97
CA ILE B 211 8.79 6.12 -5.93
C ILE B 211 8.01 7.21 -5.17
N LYS B 212 7.07 6.78 -4.35
CA LYS B 212 6.18 7.77 -3.68
C LYS B 212 6.84 8.67 -2.68
N ASN B 213 7.87 8.17 -2.00
CA ASN B 213 8.62 9.02 -1.05
C ASN B 213 9.77 9.71 -1.73
N GLY B 214 9.98 9.47 -3.01
CA GLY B 214 10.94 10.25 -3.78
C GLY B 214 12.35 9.69 -3.66
N SER B 215 12.51 8.48 -3.14
CA SER B 215 13.82 7.90 -3.04
C SER B 215 14.29 7.19 -4.28
N ALA B 216 13.36 6.86 -5.17
CA ALA B 216 13.67 6.33 -6.49
C ALA B 216 13.10 7.24 -7.56
N PRO B 217 13.89 7.54 -8.61
CA PRO B 217 13.30 8.34 -9.69
C PRO B 217 12.04 7.76 -10.28
N ASP B 218 11.07 8.60 -10.59
CA ASP B 218 9.86 8.23 -11.34
C ASP B 218 9.88 8.51 -12.87
N THR B 219 11.06 8.84 -13.40
CA THR B 219 11.31 9.02 -14.83
C THR B 219 12.76 8.70 -15.11
N ASP B 220 13.06 8.63 -16.41
CA ASP B 220 14.43 8.49 -16.87
C ASP B 220 15.13 9.85 -16.75
N LEU B 221 16.12 9.92 -15.88
CA LEU B 221 16.90 11.16 -15.70
C LEU B 221 17.84 11.42 -16.86
N GLY B 222 18.05 10.43 -17.70
CA GLY B 222 18.88 10.59 -18.91
C GLY B 222 20.37 10.63 -18.69
N LEU B 223 20.85 9.98 -17.65
CA LEU B 223 22.25 10.03 -17.26
C LEU B 223 22.77 8.66 -17.57
N ASP B 224 24.01 8.56 -18.00
CA ASP B 224 24.65 7.26 -18.05
C ASP B 224 25.12 6.88 -16.62
N ALA B 225 25.55 5.65 -16.46
CA ALA B 225 25.86 5.16 -15.12
C ALA B 225 26.95 6.01 -14.39
N SER B 226 27.97 6.40 -15.11
CA SER B 226 29.01 7.25 -14.56
C SER B 226 28.46 8.59 -14.04
N GLN B 227 27.50 9.18 -14.74
CA GLN B 227 26.99 10.48 -14.33
C GLN B 227 25.98 10.34 -13.16
N SER B 228 25.32 9.18 -13.05
CA SER B 228 24.29 9.01 -12.02
C SER B 228 24.88 8.38 -10.78
N PHE B 229 25.76 7.40 -10.96
CA PHE B 229 26.30 6.66 -9.83
C PHE B 229 27.64 7.26 -9.38
N GLY B 230 28.33 7.90 -10.30
CA GLY B 230 29.60 8.60 -10.03
C GLY B 230 29.33 10.02 -9.56
N GLY B 231 30.38 10.85 -9.60
CA GLY B 231 30.24 12.24 -9.11
C GLY B 231 29.67 12.20 -7.72
N ASP B 232 28.68 13.03 -7.46
CA ASP B 232 28.06 13.09 -6.15
C ASP B 232 26.95 12.10 -5.97
N GLY B 233 26.80 11.18 -6.90
CA GLY B 233 25.94 10.03 -6.65
C GLY B 233 24.45 10.34 -6.54
N ILE B 234 23.95 10.98 -7.57
CA ILE B 234 22.54 11.28 -7.70
C ILE B 234 21.66 10.03 -7.48
N VAL B 235 22.13 8.89 -8.02
CA VAL B 235 21.52 7.61 -7.78
C VAL B 235 22.59 6.69 -7.17
N PRO B 236 22.60 6.55 -5.84
CA PRO B 236 23.71 5.97 -5.16
C PRO B 236 23.59 4.50 -4.93
N MET B 237 22.51 3.90 -5.36
CA MET B 237 22.32 2.47 -5.26
C MET B 237 21.37 2.03 -6.38
N PHE B 238 21.61 0.80 -6.87
CA PHE B 238 20.82 0.19 -7.96
C PHE B 238 21.17 -1.27 -8.06
N MET B 239 20.40 -2.02 -8.86
CA MET B 239 20.53 -3.46 -9.03
C MET B 239 20.83 -3.70 -10.49
N SER B 240 21.84 -4.53 -10.74
CA SER B 240 22.17 -4.94 -12.10
C SER B 240 23.10 -6.15 -12.07
N GLY B 241 23.59 -6.49 -13.26
CA GLY B 241 24.39 -7.62 -13.44
C GLY B 241 25.85 -7.25 -13.71
N PRO B 242 26.63 -8.27 -14.07
CA PRO B 242 28.03 -8.16 -14.39
C PRO B 242 28.41 -7.11 -15.41
N TRP B 243 27.62 -6.99 -16.49
CA TRP B 243 27.87 -5.98 -17.50
C TRP B 243 28.01 -4.60 -16.89
N MET B 244 27.38 -4.32 -15.77
CA MET B 244 27.55 -3.02 -15.15
C MET B 244 28.81 -2.83 -14.29
N VAL B 245 29.40 -3.91 -13.79
CA VAL B 245 30.73 -3.85 -13.21
C VAL B 245 31.73 -3.36 -14.26
N ASN B 246 31.70 -4.01 -15.42
CA ASN B 246 32.47 -3.65 -16.57
C ASN B 246 32.31 -2.17 -16.95
N THR B 247 31.06 -1.74 -17.06
CA THR B 247 30.73 -0.37 -17.48
C THR B 247 31.33 0.65 -16.49
N LEU B 248 31.11 0.40 -15.21
CA LEU B 248 31.56 1.28 -14.17
C LEU B 248 33.09 1.28 -14.04
N LYS B 249 33.71 0.10 -14.12
CA LYS B 249 35.19 0.03 -14.17
C LYS B 249 35.78 0.84 -15.33
N ASP B 250 35.13 0.81 -16.48
CA ASP B 250 35.64 1.54 -17.64
C ASP B 250 35.33 3.04 -17.61
N THR B 251 34.15 3.43 -17.09
CA THR B 251 33.63 4.78 -17.27
C THR B 251 33.59 5.67 -16.04
N ALA B 252 33.78 5.12 -14.84
CA ALA B 252 33.76 5.95 -13.65
C ALA B 252 35.06 5.96 -12.82
N PRO B 253 36.18 6.39 -13.42
CA PRO B 253 37.42 6.43 -12.64
C PRO B 253 37.31 7.27 -11.37
N ASP B 254 36.52 8.34 -11.43
CA ASP B 254 36.30 9.22 -10.29
C ASP B 254 35.84 8.50 -9.00
N ILE B 255 35.14 7.37 -9.12
CA ILE B 255 34.68 6.66 -7.91
C ILE B 255 35.43 5.37 -7.61
N ASP B 256 36.60 5.16 -8.24
CA ASP B 256 37.45 4.03 -7.86
C ASP B 256 37.72 4.03 -6.34
N GLY B 257 37.50 2.89 -5.68
CA GLY B 257 37.55 2.77 -4.20
C GLY B 257 36.40 3.45 -3.41
N LYS B 258 35.33 3.83 -4.09
CA LYS B 258 34.19 4.45 -3.45
C LYS B 258 32.90 3.77 -3.87
N TRP B 259 32.98 2.59 -4.48
CA TRP B 259 31.77 1.80 -4.75
C TRP B 259 32.12 0.34 -4.61
N ALA B 260 31.11 -0.47 -4.39
CA ALA B 260 31.25 -1.91 -4.37
C ALA B 260 29.88 -2.53 -4.78
N THR B 261 29.84 -3.85 -4.84
CA THR B 261 28.61 -4.61 -4.95
C THR B 261 28.44 -5.40 -3.68
N ALA B 262 27.23 -5.83 -3.44
CA ALA B 262 26.86 -6.67 -2.31
C ALA B 262 25.70 -7.53 -2.75
N VAL B 263 25.49 -8.63 -2.05
CA VAL B 263 24.31 -9.44 -2.27
C VAL B 263 23.02 -8.66 -2.02
N LEU B 264 21.91 -9.07 -2.64
CA LEU B 264 20.68 -8.36 -2.48
C LEU B 264 20.21 -8.37 -1.04
N PRO B 265 19.57 -7.29 -0.60
CA PRO B 265 18.96 -7.30 0.75
C PRO B 265 17.87 -8.36 0.91
N LYS B 266 17.76 -8.87 2.14
CA LYS B 266 16.84 -9.92 2.52
C LYS B 266 15.48 -9.36 3.04
N LYS B 267 14.41 -10.06 2.66
CA LYS B 267 13.12 -9.93 3.32
C LYS B 267 12.88 -11.30 3.99
N GLU B 268 12.08 -12.22 3.43
CA GLU B 268 12.12 -13.64 3.85
C GLU B 268 13.41 -14.32 3.40
N ASN B 269 13.90 -13.97 2.21
CA ASN B 269 15.17 -14.47 1.63
C ASN B 269 15.70 -13.33 0.81
N ASN B 270 16.89 -13.51 0.24
CA ASN B 270 17.46 -12.50 -0.67
C ASN B 270 17.74 -13.11 -2.03
N GLU B 271 16.93 -14.06 -2.43
CA GLU B 271 17.11 -14.69 -3.72
C GLU B 271 17.15 -13.71 -4.90
N SER B 272 18.04 -13.97 -5.83
CA SER B 272 18.10 -13.19 -7.03
C SER B 272 17.61 -13.98 -8.25
N SER B 273 17.62 -13.36 -9.42
CA SER B 273 17.36 -14.10 -10.65
C SER B 273 18.66 -14.70 -11.24
N LEU B 274 18.49 -15.79 -11.98
CA LEU B 274 19.55 -16.42 -12.81
C LEU B 274 19.15 -16.26 -14.27
N GLY B 275 19.98 -15.48 -14.97
CA GLY B 275 19.85 -15.25 -16.40
C GLY B 275 21.09 -15.58 -17.22
N GLY B 276 21.17 -14.88 -18.36
CA GLY B 276 22.30 -14.95 -19.25
C GLY B 276 21.77 -15.36 -20.62
N ALA B 277 22.62 -16.01 -21.43
CA ALA B 277 22.18 -16.45 -22.77
C ALA B 277 22.79 -17.74 -23.16
N ASN B 278 22.10 -18.41 -24.08
CA ASN B 278 22.46 -19.69 -24.62
C ASN B 278 22.76 -19.47 -26.08
N LEU B 279 23.58 -20.37 -26.66
CA LEU B 279 23.62 -20.47 -28.10
C LEU B 279 22.75 -21.63 -28.53
N SER B 280 21.93 -21.38 -29.55
CA SER B 280 20.99 -22.38 -30.15
C SER B 280 21.04 -22.34 -31.69
N ILE B 281 20.57 -23.42 -32.28
CA ILE B 281 20.44 -23.52 -33.72
C ILE B 281 19.01 -23.38 -34.13
N PHE B 282 18.76 -22.49 -35.06
CA PHE B 282 17.40 -22.27 -35.56
C PHE B 282 17.02 -23.54 -36.33
N LYS B 283 15.84 -24.07 -36.04
CA LYS B 283 15.41 -25.30 -36.59
C LYS B 283 15.36 -25.26 -38.12
N TYR B 284 15.07 -24.11 -38.72
CA TYR B 284 14.96 -23.97 -40.18
C TYR B 284 16.30 -23.76 -40.88
N SER B 285 17.42 -23.73 -40.15
CA SER B 285 18.72 -23.57 -40.77
C SER B 285 19.12 -24.73 -41.72
N ASN B 286 19.71 -24.29 -42.84
CA ASN B 286 20.30 -25.09 -43.89
C ASN B 286 21.81 -25.34 -43.64
N LYS B 287 22.34 -24.86 -42.51
CA LYS B 287 23.77 -24.93 -42.24
C LYS B 287 23.93 -25.45 -40.83
N LYS B 288 23.19 -26.51 -40.56
CA LYS B 288 23.20 -27.11 -39.25
C LYS B 288 24.60 -27.58 -38.78
N ASP B 289 25.32 -28.24 -39.67
CA ASP B 289 26.65 -28.76 -39.36
C ASP B 289 27.59 -27.62 -39.04
N ASP B 290 27.61 -26.61 -39.87
CA ASP B 290 28.43 -25.46 -39.67
C ASP B 290 28.06 -24.69 -38.34
N ALA B 291 26.77 -24.54 -38.06
CA ALA B 291 26.25 -23.92 -36.83
C ALA B 291 26.77 -24.65 -35.61
N LEU B 292 26.69 -25.96 -35.66
CA LEU B 292 27.17 -26.76 -34.56
C LEU B 292 28.70 -26.68 -34.32
N LYS B 293 29.48 -26.66 -35.40
CA LYS B 293 30.94 -26.36 -35.31
C LYS B 293 31.23 -25.00 -34.64
N PHE B 294 30.46 -24.01 -35.05
CA PHE B 294 30.59 -22.67 -34.51
C PHE B 294 30.26 -22.69 -33.00
N MET B 295 29.16 -23.34 -32.64
CA MET B 295 28.84 -23.50 -31.23
C MET B 295 29.93 -24.20 -30.43
N ASP B 296 30.41 -25.30 -30.96
CA ASP B 296 31.46 -26.05 -30.31
C ASP B 296 32.76 -25.22 -30.15
N TYR B 297 33.12 -24.51 -31.22
CA TYR B 297 34.23 -23.61 -31.19
C TYR B 297 34.08 -22.53 -30.06
N MET B 298 32.88 -21.98 -29.92
CA MET B 298 32.65 -20.90 -28.98
C MET B 298 32.52 -21.40 -27.54
N SER B 299 32.36 -22.72 -27.37
CA SER B 299 32.32 -23.34 -26.06
C SER B 299 33.69 -23.90 -25.59
N GLN B 300 34.74 -23.78 -26.37
CA GLN B 300 36.08 -24.14 -25.88
C GLN B 300 36.43 -23.31 -24.62
N PRO B 301 36.83 -23.98 -23.53
CA PRO B 301 36.95 -23.29 -22.25
C PRO B 301 37.91 -22.09 -22.20
N ASP B 302 38.97 -22.15 -22.96
CA ASP B 302 39.97 -21.08 -22.96
C ASP B 302 39.42 -19.89 -23.71
N VAL B 303 38.77 -20.17 -24.84
CA VAL B 303 38.11 -19.13 -25.66
C VAL B 303 37.08 -18.35 -24.83
N GLN B 304 36.23 -19.09 -24.17
CA GLN B 304 35.25 -18.56 -23.24
C GLN B 304 35.84 -17.68 -22.11
N LEU B 305 36.78 -18.26 -21.39
CA LEU B 305 37.46 -17.55 -20.28
C LEU B 305 38.10 -16.22 -20.74
N SER B 306 38.70 -16.22 -21.91
CA SER B 306 39.32 -15.00 -22.47
C SER B 306 38.37 -13.81 -22.43
N TRP B 307 37.20 -13.95 -23.07
CA TRP B 307 36.22 -12.85 -23.17
C TRP B 307 35.40 -12.66 -21.91
N LEU B 308 35.07 -13.74 -21.19
CA LEU B 308 34.36 -13.63 -19.92
C LEU B 308 35.13 -12.79 -18.87
N LYS B 309 36.38 -13.14 -18.67
CA LYS B 309 37.19 -12.40 -17.70
C LYS B 309 37.36 -10.95 -18.13
N ASP B 310 37.61 -10.74 -19.41
CA ASP B 310 37.82 -9.39 -19.93
C ASP B 310 36.65 -8.46 -19.61
N THR B 311 35.45 -9.04 -19.64
CA THR B 311 34.22 -8.30 -19.45
C THR B 311 33.61 -8.45 -18.06
N ASN B 312 34.29 -9.09 -17.11
CA ASN B 312 33.73 -9.40 -15.80
C ASN B 312 32.41 -10.17 -15.90
N SER B 313 32.24 -10.96 -16.95
CA SER B 313 30.99 -11.72 -17.15
C SER B 313 31.12 -13.02 -16.34
N MET B 314 29.96 -13.52 -15.93
CA MET B 314 29.89 -14.79 -15.21
C MET B 314 29.88 -15.96 -16.18
N PRO B 315 30.86 -16.86 -16.03
CA PRO B 315 30.79 -18.16 -16.73
C PRO B 315 29.61 -19.01 -16.32
N ALA B 316 28.94 -19.64 -17.30
CA ALA B 316 27.96 -20.70 -17.05
C ALA B 316 28.63 -22.06 -16.83
N ARG B 317 29.88 -22.18 -17.24
CA ARG B 317 30.65 -23.36 -17.05
C ARG B 317 31.30 -23.44 -15.64
N MET B 318 31.15 -24.59 -14.96
CA MET B 318 31.44 -24.67 -13.52
C MET B 318 32.93 -24.55 -13.22
N ASP B 319 33.78 -25.29 -13.95
CA ASP B 319 35.22 -25.31 -13.59
C ASP B 319 35.93 -24.00 -13.89
N ALA B 320 35.31 -23.13 -14.68
CA ALA B 320 35.83 -21.80 -14.90
C ALA B 320 35.92 -20.95 -13.61
N TRP B 321 35.00 -21.18 -12.67
CA TRP B 321 35.02 -20.49 -11.37
C TRP B 321 36.19 -20.97 -10.49
N GLU B 322 36.91 -21.99 -10.95
CA GLU B 322 38.15 -22.42 -10.27
C GLU B 322 39.37 -21.59 -10.67
N ASP B 323 39.23 -20.72 -11.66
CA ASP B 323 40.31 -19.84 -12.10
C ASP B 323 40.74 -18.93 -10.95
N ASP B 324 42.05 -18.77 -10.75
CA ASP B 324 42.60 -18.05 -9.61
C ASP B 324 42.15 -16.61 -9.51
N MET B 325 42.14 -15.91 -10.65
CA MET B 325 41.65 -14.52 -10.72
C MET B 325 40.16 -14.39 -10.44
N LEU B 326 39.32 -15.31 -10.92
CA LEU B 326 37.87 -15.29 -10.54
C LEU B 326 37.62 -15.49 -9.08
N LYS B 327 38.18 -16.56 -8.52
CA LYS B 327 38.08 -16.84 -7.07
C LYS B 327 38.37 -15.64 -6.15
N ASN B 328 39.33 -14.81 -6.55
CA ASN B 328 39.85 -13.78 -5.70
C ASN B 328 39.39 -12.35 -6.01
N ASP B 329 38.66 -12.15 -7.10
CA ASP B 329 38.18 -10.83 -7.47
C ASP B 329 36.95 -10.53 -6.60
N PRO B 330 36.86 -9.35 -6.00
CA PRO B 330 35.68 -9.05 -5.15
C PRO B 330 34.33 -9.00 -5.88
N TYR B 331 34.33 -8.62 -7.16
CA TYR B 331 33.08 -8.61 -7.94
C TYR B 331 32.58 -10.00 -8.20
N TYR B 332 33.50 -10.90 -8.50
CA TYR B 332 33.17 -12.30 -8.74
C TYR B 332 32.71 -13.04 -7.48
N LYS B 333 33.33 -12.69 -6.35
CA LYS B 333 32.91 -13.19 -5.02
C LYS B 333 31.43 -12.89 -4.70
N VAL B 334 31.00 -11.66 -4.89
CA VAL B 334 29.61 -11.28 -4.67
C VAL B 334 28.69 -11.98 -5.66
N PHE B 335 29.06 -11.99 -6.92
CA PHE B 335 28.26 -12.66 -7.95
C PHE B 335 28.15 -14.13 -7.61
N GLY B 336 29.25 -14.69 -7.16
CA GLY B 336 29.34 -16.11 -6.95
C GLY B 336 28.51 -16.52 -5.77
N GLU B 337 28.57 -15.73 -4.70
CA GLU B 337 27.69 -15.91 -3.57
C GLU B 337 26.17 -15.80 -3.95
N GLN B 338 25.82 -14.77 -4.72
CA GLN B 338 24.41 -14.54 -5.12
C GLN B 338 23.90 -15.70 -5.98
N MET B 339 24.77 -16.22 -6.83
CA MET B 339 24.41 -17.21 -7.82
C MET B 339 24.01 -18.49 -7.09
N LYS B 340 24.63 -18.74 -5.92
CA LYS B 340 24.32 -19.93 -5.18
C LYS B 340 22.82 -20.13 -5.00
N THR B 341 22.04 -19.08 -4.77
CA THR B 341 20.59 -19.28 -4.61
C THR B 341 19.76 -18.64 -5.72
N ALA B 342 20.37 -18.21 -6.79
CA ALA B 342 19.64 -17.52 -7.83
C ALA B 342 18.79 -18.51 -8.61
N GLU B 343 17.61 -18.09 -8.99
CA GLU B 343 16.69 -18.99 -9.68
C GLU B 343 16.28 -18.31 -10.97
N PRO B 344 16.23 -19.06 -12.08
CA PRO B 344 15.63 -18.45 -13.27
C PRO B 344 14.21 -17.90 -13.05
N MET B 345 13.87 -16.90 -13.81
CA MET B 345 12.47 -16.57 -13.92
C MET B 345 11.66 -17.82 -14.30
N PRO B 346 10.34 -17.83 -14.00
CA PRO B 346 9.45 -18.96 -14.39
C PRO B 346 9.66 -19.33 -15.84
N LEU B 347 10.00 -20.58 -16.05
CA LEU B 347 10.47 -21.07 -17.29
C LEU B 347 9.23 -21.54 -18.05
N ILE B 348 8.46 -20.57 -18.48
CA ILE B 348 7.17 -20.82 -19.10
C ILE B 348 7.19 -20.06 -20.41
N PRO B 349 6.45 -20.58 -21.39
CA PRO B 349 6.45 -20.02 -22.73
C PRO B 349 5.84 -18.61 -22.85
N GLN B 350 5.05 -18.20 -21.88
CA GLN B 350 4.46 -16.87 -21.93
C GLN B 350 5.20 -15.90 -21.04
N PHE B 351 6.46 -16.24 -20.64
CA PHE B 351 7.14 -15.41 -19.65
C PHE B 351 7.20 -13.95 -20.15
N GLU B 352 7.68 -13.71 -21.37
CA GLU B 352 7.89 -12.30 -21.77
C GLU B 352 6.61 -11.50 -21.80
N GLU B 353 5.52 -12.09 -22.30
CA GLU B 353 4.24 -11.41 -22.31
C GLU B 353 3.77 -11.07 -20.89
N ILE B 354 3.98 -12.01 -19.98
CA ILE B 354 3.69 -11.82 -18.58
C ILE B 354 4.52 -10.68 -17.96
N ALA B 355 5.83 -10.67 -18.21
CA ALA B 355 6.70 -9.64 -17.75
C ALA B 355 6.32 -8.28 -18.33
N GLN B 356 5.90 -8.25 -19.58
CA GLN B 356 5.39 -6.98 -20.19
C GLN B 356 4.07 -6.56 -19.56
N LEU B 357 3.21 -7.51 -19.22
CA LEU B 357 1.96 -7.15 -18.52
C LEU B 357 2.30 -6.63 -17.14
N TYR B 358 3.33 -7.19 -16.50
CA TYR B 358 3.72 -6.65 -15.18
C TYR B 358 4.13 -5.20 -15.38
N GLY B 359 4.98 -4.97 -16.39
CA GLY B 359 5.43 -3.63 -16.75
C GLY B 359 4.31 -2.62 -16.86
N LYS B 360 3.24 -2.97 -17.57
CA LYS B 360 2.12 -2.09 -17.73
C LYS B 360 1.40 -1.79 -16.43
N SER B 361 1.24 -2.82 -15.62
CA SER B 361 0.60 -2.69 -14.35
C SER B 361 1.47 -1.89 -13.36
N TRP B 362 2.76 -2.15 -13.33
CA TRP B 362 3.72 -1.29 -12.60
C TRP B 362 3.61 0.18 -13.00
N GLU B 363 3.54 0.46 -14.30
CA GLU B 363 3.43 1.82 -14.74
C GLU B 363 2.10 2.44 -14.27
N GLN B 364 0.99 1.71 -14.40
CA GLN B 364 -0.28 2.23 -13.83
C GLN B 364 -0.13 2.64 -12.34
N ILE B 365 0.65 1.86 -11.56
CA ILE B 365 0.93 2.18 -10.17
C ILE B 365 1.85 3.38 -9.96
N TYR B 366 3.05 3.28 -10.50
CA TYR B 366 4.07 4.24 -10.16
C TYR B 366 3.87 5.56 -10.90
N ARG B 367 3.30 5.52 -12.10
CA ARG B 367 3.03 6.71 -12.92
C ARG B 367 1.53 7.14 -12.82
N GLY B 368 0.63 6.18 -12.88
CA GLY B 368 -0.81 6.48 -12.88
C GLY B 368 -1.43 6.61 -11.53
N GLY B 369 -0.70 6.26 -10.46
CA GLY B 369 -1.26 6.22 -9.10
C GLY B 369 -2.41 5.23 -8.85
N ALA B 370 -2.48 4.17 -9.64
CA ALA B 370 -3.47 3.13 -9.39
C ALA B 370 -3.23 2.48 -8.01
N ASP B 371 -4.31 2.01 -7.42
CA ASP B 371 -4.25 1.16 -6.25
C ASP B 371 -3.54 -0.17 -6.55
N VAL B 372 -2.61 -0.53 -5.66
CA VAL B 372 -1.85 -1.73 -5.87
C VAL B 372 -2.70 -3.00 -5.86
N GLN B 373 -3.59 -3.13 -4.88
CA GLN B 373 -4.42 -4.33 -4.84
C GLN B 373 -5.31 -4.45 -6.10
N THR B 374 -5.96 -3.35 -6.43
CA THR B 374 -6.83 -3.29 -7.57
C THR B 374 -6.06 -3.59 -8.86
N GLN B 375 -4.89 -3.01 -9.03
CA GLN B 375 -4.05 -3.27 -10.23
C GLN B 375 -3.54 -4.72 -10.28
N MET B 376 -3.10 -5.26 -9.13
CA MET B 376 -2.69 -6.66 -9.08
C MET B 376 -3.84 -7.62 -9.35
N ASP B 377 -5.05 -7.29 -8.95
CA ASP B 377 -6.23 -8.13 -9.31
C ASP B 377 -6.38 -8.22 -10.85
N THR B 378 -6.33 -7.05 -11.48
CA THR B 378 -6.40 -6.92 -12.89
C THR B 378 -5.22 -7.70 -13.57
N PHE B 379 -4.01 -7.52 -13.07
CA PHE B 379 -2.85 -8.20 -13.60
C PHE B 379 -3.00 -9.71 -13.52
N ASN B 380 -3.35 -10.21 -12.34
CA ASN B 380 -3.46 -11.64 -12.10
C ASN B 380 -4.52 -12.27 -13.03
N ASP B 381 -5.64 -11.57 -13.22
CA ASP B 381 -6.72 -12.02 -14.17
C ASP B 381 -6.19 -12.06 -15.59
N GLN B 382 -5.41 -11.06 -15.98
CA GLN B 382 -4.75 -11.10 -17.27
C GLN B 382 -3.85 -12.34 -17.43
N VAL B 383 -3.10 -12.64 -16.41
CA VAL B 383 -2.21 -13.77 -16.48
C VAL B 383 -3.00 -15.10 -16.60
N GLU B 384 -4.08 -15.20 -15.83
CA GLU B 384 -4.94 -16.39 -15.82
C GLU B 384 -5.57 -16.58 -17.17
N ALA B 385 -5.92 -15.46 -17.80
CA ALA B 385 -6.53 -15.51 -19.11
C ALA B 385 -5.55 -16.01 -20.16
N LEU B 386 -4.30 -15.55 -20.10
CA LEU B 386 -3.22 -16.05 -20.95
C LEU B 386 -2.97 -17.55 -20.81
N LEU B 387 -2.92 -18.03 -19.59
CA LEU B 387 -2.62 -19.44 -19.29
C LEU B 387 -3.76 -20.35 -19.75
N LYS B 388 -4.98 -19.86 -19.61
CA LYS B 388 -6.14 -20.55 -20.08
C LYS B 388 -6.12 -20.66 -21.60
N LYS B 389 -5.73 -19.58 -22.29
CA LYS B 389 -5.55 -19.60 -23.75
C LYS B 389 -4.58 -20.69 -24.21
N LEU B 390 -3.41 -20.70 -23.60
CA LEU B 390 -2.37 -21.68 -23.92
C LEU B 390 -2.90 -23.05 -23.73
N GLU B 391 -3.58 -23.29 -22.62
CA GLU B 391 -4.16 -24.61 -22.35
C GLU B 391 -5.18 -25.04 -23.45
N HIS B 392 -6.03 -24.13 -23.93
CA HIS B 392 -6.99 -24.44 -25.03
C HIS B 392 -6.29 -24.82 -26.30
N HIS B 393 -5.17 -24.15 -26.60
CA HIS B 393 -4.36 -24.53 -27.75
C HIS B 393 -3.72 -25.88 -27.57
N HIS B 394 -3.35 -26.23 -26.34
CA HIS B 394 -2.72 -27.53 -26.04
C HIS B 394 -3.70 -28.72 -25.94
N HIS B 395 -4.98 -28.47 -25.64
CA HIS B 395 -5.98 -29.52 -25.28
C HIS B 395 -7.26 -29.26 -26.10
N HIS B 396 -7.07 -29.35 -27.41
CA HIS B 396 -8.04 -28.96 -28.44
C HIS B 396 -8.87 -30.15 -29.01
N HIS B 397 -9.32 -31.09 -28.19
CA HIS B 397 -9.98 -32.33 -28.71
C HIS B 397 -11.25 -32.66 -27.90
C1 GLC C . -19.66 15.90 11.89
C2 GLC C . -19.16 15.68 13.33
C3 GLC C . -17.78 16.27 13.55
C4 GLC C . -16.83 15.91 12.42
C5 GLC C . -17.37 16.33 11.05
C6 GLC C . -16.40 15.83 9.99
O1 GLC C . -20.10 17.21 11.83
O2 GLC C . -19.98 16.31 14.34
O3 GLC C . -17.34 15.68 14.79
O4 GLC C . -15.58 16.54 12.72
O5 GLC C . -18.69 15.81 10.82
O6 GLC C . -16.95 16.05 8.69
C2 BGC C . -21.14 15.22 16.21
C3 BGC C . -22.41 14.49 16.65
C4 BGC C . -23.64 15.30 16.21
C5 BGC C . -23.59 15.72 14.73
C6 BGC C . -24.72 16.70 14.35
C1 BGC C . -21.15 15.56 14.70
O2 BGC C . -20.02 14.39 16.49
O3 BGC C . -22.44 14.28 18.07
O4 BGC C . -24.74 14.44 16.44
O5 BGC C . -22.30 16.32 14.40
O6 BGC C . -24.62 17.85 15.19
C2 BGC C . -19.00 13.40 18.36
C3 BGC C . -18.20 13.60 19.64
C4 BGC C . -16.97 14.42 19.29
C5 BGC C . -17.40 15.71 18.53
C6 BGC C . -16.20 16.54 18.17
C1 BGC C . -19.34 14.72 17.68
O2 BGC C . -20.22 12.77 18.70
O3 BGC C . -17.90 12.33 20.28
O4 BGC C . -16.37 14.75 20.53
O5 BGC C . -18.17 15.44 17.34
O6 BGC C . -15.38 15.88 17.19
C1 GLC D . 19.16 -4.82 -19.77
C2 GLC D . 18.75 -6.28 -19.94
C3 GLC D . 17.33 -6.42 -20.48
C4 GLC D . 16.31 -5.51 -19.80
C5 GLC D . 16.80 -4.07 -19.79
C6 GLC D . 15.89 -3.20 -18.94
O1 GLC D . 19.43 -4.26 -21.03
O2 GLC D . 19.59 -6.99 -20.85
O3 GLC D . 16.94 -7.77 -20.28
O4 GLC D . 15.06 -5.64 -20.49
O5 GLC D . 18.11 -3.99 -19.23
O6 GLC D . 16.46 -1.90 -18.66
C2 BGC D . 20.90 -8.95 -20.53
C3 BGC D . 22.23 -9.50 -20.03
C4 BGC D . 23.37 -8.77 -20.75
C5 BGC D . 23.20 -7.28 -20.63
C6 BGC D . 24.29 -6.55 -21.40
C1 BGC D . 20.84 -7.44 -20.36
O2 BGC D . 19.83 -9.54 -19.82
O3 BGC D . 22.30 -10.94 -20.24
O4 BGC D . 24.59 -9.10 -20.12
O5 BGC D . 21.92 -6.88 -21.11
O6 BGC D . 24.09 -6.77 -22.79
C2 BGC D . 19.01 -11.72 -19.34
C3 BGC D . 18.26 -12.89 -19.92
C4 BGC D . 16.97 -12.43 -20.56
C5 BGC D . 17.26 -11.32 -21.55
C6 BGC D . 15.97 -10.73 -22.12
C1 BGC D . 19.24 -10.67 -20.42
O2 BGC D . 20.27 -12.18 -18.93
O3 BGC D . 18.08 -13.86 -18.89
O4 BGC D . 16.39 -13.53 -21.26
O5 BGC D . 17.99 -10.25 -20.93
O6 BGC D . 15.13 -10.17 -21.07
C1 MPD E . -25.82 -11.70 0.28
C2 MPD E . -25.28 -10.99 -0.95
O2 MPD E . -26.36 -11.08 -1.84
CM MPD E . -25.08 -9.62 -0.49
C3 MPD E . -24.04 -11.71 -1.58
C4 MPD E . -22.79 -10.96 -2.14
O4 MPD E . -21.54 -11.39 -1.54
C5 MPD E . -22.42 -11.24 -3.60
C1 MPD F . -21.71 11.53 1.19
C2 MPD F . -22.35 12.26 2.37
O2 MPD F . -22.18 13.67 2.18
CM MPD F . -23.84 11.98 2.48
C3 MPD F . -21.69 11.77 3.65
C4 MPD F . -20.46 12.56 4.09
O4 MPD F . -20.87 13.69 4.89
C5 MPD F . -19.53 11.64 4.90
C1 MPD G . -17.01 13.74 -1.70
C2 MPD G . -18.13 14.05 -0.78
O2 MPD G . -18.31 15.43 -0.98
CM MPD G . -19.34 13.26 -1.25
C3 MPD G . -17.80 13.66 0.65
C4 MPD G . -16.57 14.28 1.33
O4 MPD G . -16.49 13.71 2.65
C5 MPD G . -15.17 14.03 0.73
MG MG H . -16.91 6.11 -11.49
C1 MPD I . 25.76 -2.08 10.71
C2 MPD I . 25.73 -0.88 9.79
O2 MPD I . 26.83 -0.03 10.13
CM MPD I . 26.08 -1.33 8.39
C3 MPD I . 24.36 -0.16 9.64
C4 MPD I . 23.58 0.47 10.81
O4 MPD I . 22.40 1.14 10.32
C5 MPD I . 23.04 -0.50 11.87
C1 MPD J . 15.84 4.94 -16.12
C2 MPD J . 15.65 4.51 -14.67
O2 MPD J . 14.26 4.68 -14.27
CM MPD J . 16.02 3.03 -14.64
C3 MPD J . 16.46 5.31 -13.62
C4 MPD J . 17.66 6.15 -14.11
O4 MPD J . 17.29 7.30 -14.86
C5 MPD J . 18.45 6.66 -12.91
#